data_6ABY
#
_entry.id   6ABY
#
_cell.length_a   50.134
_cell.length_b   55.973
_cell.length_c   76.965
_cell.angle_alpha   83.730
_cell.angle_beta   73.940
_cell.angle_gamma   72.220
#
_symmetry.space_group_name_H-M   'P 1'
#
loop_
_entity.id
_entity.type
_entity.pdbx_description
1 polymer 'Citrate synthase'
2 non-polymer 'OXALOACETATE ION'
3 non-polymer GLYCEROL
4 non-polymer 'ACETYL COENZYME *A'
5 water water
#
_entity_poly.entity_id   1
_entity_poly.type   'polypeptide(L)'
_entity_poly.pdbx_seq_one_letter_code
;MELRKGLEDIAIKETSITYIDGELGRLYYRGYSIFDLASFSNFEEVAYLLWYGKLPTRHELDDFKSRLAEERSISEDIST
FVKRTAKFGNPMDILRTTVSMMGLEDRSEGDLIGKAIKMTAKIPTIISLIQRTRRNQEFVEPDPSLSHSENFLYMIRGER
PSPSDTRVLDVSLMLHMDHEMNASTMACLVVASTLSDIYSSVVAGISALKGPLHGGANSEALKQFMEIETPDNVEKYVMN
KLSSGQRLMGFGHRIYKTMDPRAKILKEYANQLSKNEEIKRLFEIANRVEEIGIKILGKRGIYPNVDFYSGLVFYAMGFD
PDLFPTIFASARVIGWTAHVDEYLKDNKLIRPKAIYVGDLGKRYVPIEERLEHHHHHH
;
_entity_poly.pdbx_strand_id   B,A
#
loop_
_chem_comp.id
_chem_comp.type
_chem_comp.name
_chem_comp.formula
ACO non-polymer 'ACETYL COENZYME *A' 'C23 H38 N7 O17 P3 S'
GOL non-polymer GLYCEROL 'C3 H8 O3'
OAA non-polymer 'OXALOACETATE ION' 'C4 H3 O5 -1'
#
# COMPACT_ATOMS: atom_id res chain seq x y z
N MET A 1 15.98 -20.17 5.20
CA MET A 1 17.26 -19.43 5.35
C MET A 1 17.21 -18.75 6.73
N GLU A 2 17.74 -17.54 6.86
CA GLU A 2 17.54 -16.72 8.08
C GLU A 2 16.07 -16.30 8.12
N LEU A 3 15.41 -16.56 9.23
CA LEU A 3 14.16 -15.89 9.63
C LEU A 3 14.54 -14.57 10.30
N ARG A 4 14.15 -13.43 9.73
CA ARG A 4 14.41 -12.11 10.33
C ARG A 4 13.05 -11.44 10.51
N LYS A 5 12.28 -11.94 11.47
CA LYS A 5 10.90 -11.46 11.67
C LYS A 5 10.96 -10.00 12.12
N GLY A 6 10.28 -9.08 11.42
CA GLY A 6 10.32 -7.66 11.77
C GLY A 6 11.44 -6.91 11.07
N LEU A 7 12.36 -7.64 10.43
CA LEU A 7 13.52 -7.09 9.70
C LEU A 7 14.32 -6.15 10.62
N GLU A 8 14.36 -6.41 11.93
CA GLU A 8 15.16 -5.57 12.87
C GLU A 8 16.63 -5.62 12.42
N ASP A 9 17.25 -4.48 12.24
CA ASP A 9 18.69 -4.40 11.83
C ASP A 9 18.95 -5.08 10.47
N ILE A 10 17.94 -5.29 9.61
CA ILE A 10 18.19 -5.62 8.19
C ILE A 10 18.15 -4.35 7.36
N ALA A 11 19.22 -4.00 6.66
CA ALA A 11 19.23 -2.83 5.76
C ALA A 11 18.64 -3.25 4.41
N ILE A 12 17.69 -2.47 3.90
CA ILE A 12 17.00 -2.85 2.62
C ILE A 12 17.38 -1.88 1.51
N LYS A 13 18.12 -0.82 1.80
CA LYS A 13 18.61 0.11 0.77
C LYS A 13 19.79 0.89 1.35
N GLU A 14 20.51 1.55 0.45
CA GLU A 14 21.49 2.62 0.71
C GLU A 14 20.77 3.95 0.48
N THR A 15 21.04 4.96 1.30
CA THR A 15 20.39 6.29 1.17
C THR A 15 21.39 7.41 1.44
N SER A 16 21.23 8.53 0.75
CA SER A 16 21.90 9.79 1.06
C SER A 16 20.86 10.86 1.44
N ILE A 17 19.62 10.44 1.75
CA ILE A 17 18.50 11.39 2.03
C ILE A 17 18.59 11.86 3.47
N THR A 18 18.56 10.94 4.43
CA THR A 18 18.38 11.27 5.85
C THR A 18 19.31 10.42 6.67
N TYR A 19 19.97 11.05 7.64
CA TYR A 19 20.79 10.30 8.61
C TYR A 19 20.26 10.64 10.01
N ILE A 20 20.02 9.61 10.81
CA ILE A 20 19.65 9.75 12.25
C ILE A 20 20.85 9.31 13.08
N ASP A 21 21.28 10.17 14.01
CA ASP A 21 22.28 9.83 15.06
C ASP A 21 21.50 9.59 16.33
N GLY A 22 21.13 8.34 16.62
CA GLY A 22 20.32 8.02 17.81
C GLY A 22 21.09 8.33 19.09
N GLU A 23 22.41 8.19 19.09
CA GLU A 23 23.22 8.34 20.33
C GLU A 23 23.29 9.82 20.70
N LEU A 24 23.49 10.71 19.73
CA LEU A 24 23.69 12.15 20.03
C LEU A 24 22.40 12.93 19.86
N GLY A 25 21.34 12.33 19.32
CA GLY A 25 20.08 13.09 19.15
C GLY A 25 20.20 14.08 18.01
N ARG A 26 20.74 13.64 16.87
CA ARG A 26 20.93 14.53 15.70
C ARG A 26 20.24 13.92 14.48
N LEU A 27 19.86 14.78 13.53
CA LEU A 27 19.19 14.36 12.30
C LEU A 27 19.66 15.27 11.18
N TYR A 28 19.82 14.68 10.01
CA TYR A 28 20.31 15.43 8.84
C TYR A 28 19.43 15.05 7.65
N TYR A 29 19.09 16.09 6.87
CA TYR A 29 18.49 15.99 5.52
C TYR A 29 19.55 16.40 4.49
N ARG A 30 19.96 15.46 3.63
CA ARG A 30 20.96 15.69 2.58
C ARG A 30 22.23 16.34 3.18
N GLY A 31 22.62 15.95 4.38
CA GLY A 31 23.84 16.48 5.03
C GLY A 31 23.62 17.71 5.88
N TYR A 32 22.45 18.36 5.81
CA TYR A 32 22.18 19.59 6.58
C TYR A 32 21.50 19.20 7.89
N SER A 33 21.97 19.83 8.95
CA SER A 33 21.41 19.62 10.31
C SER A 33 19.93 20.09 10.33
N ILE A 34 19.06 19.29 10.93
CA ILE A 34 17.64 19.71 11.11
C ILE A 34 17.56 21.03 11.91
N PHE A 35 18.47 21.27 12.85
CA PHE A 35 18.51 22.51 13.67
C PHE A 35 18.71 23.71 12.73
N ASP A 36 19.64 23.62 11.79
CA ASP A 36 19.90 24.72 10.82
C ASP A 36 18.68 24.94 9.91
N LEU A 37 18.07 23.85 9.40
CA LEU A 37 16.92 23.96 8.50
C LEU A 37 15.73 24.56 9.26
N ALA A 38 15.54 24.19 10.52
CA ALA A 38 14.47 24.74 11.36
C ALA A 38 14.78 26.21 11.63
N SER A 39 16.06 26.58 11.82
CA SER A 39 16.43 27.99 12.14
C SER A 39 16.24 28.86 10.90
N PHE A 40 16.65 28.39 9.73
CA PHE A 40 16.90 29.31 8.58
C PHE A 40 16.12 28.95 7.32
N SER A 41 15.53 27.77 7.20
CA SER A 41 14.94 27.36 5.90
C SER A 41 13.42 27.49 5.96
N ASN A 42 12.72 26.83 5.04
CA ASN A 42 11.24 26.89 4.99
C ASN A 42 10.76 25.65 4.25
N PHE A 43 9.45 25.42 4.27
CA PHE A 43 8.88 24.17 3.74
C PHE A 43 9.34 23.93 2.30
N GLU A 44 9.10 24.89 1.42
CA GLU A 44 9.45 24.70 -0.02
C GLU A 44 10.97 24.45 -0.19
N GLU A 45 11.81 25.20 0.50
CA GLU A 45 13.28 25.03 0.31
C GLU A 45 13.72 23.63 0.78
N VAL A 46 13.19 23.13 1.89
CA VAL A 46 13.55 21.76 2.37
C VAL A 46 12.96 20.70 1.43
N ALA A 47 11.76 20.88 0.90
CA ALA A 47 11.19 19.92 -0.09
C ALA A 47 12.08 19.89 -1.34
N TYR A 48 12.54 21.06 -1.76
CA TYR A 48 13.46 21.15 -2.91
C TYR A 48 14.71 20.30 -2.62
N LEU A 49 15.30 20.56 -1.46
CA LEU A 49 16.52 19.87 -0.98
C LEU A 49 16.32 18.35 -0.97
N LEU A 50 15.21 17.88 -0.41
CA LEU A 50 14.98 16.44 -0.29
C LEU A 50 14.80 15.85 -1.69
N TRP A 51 14.07 16.49 -2.59
CA TRP A 51 13.83 15.93 -3.94
C TRP A 51 15.04 16.07 -4.86
N TYR A 52 15.74 17.20 -4.86
CA TYR A 52 16.73 17.52 -5.92
C TYR A 52 18.15 17.39 -5.39
N GLY A 53 18.33 17.25 -4.08
CA GLY A 53 19.59 16.86 -3.46
C GLY A 53 20.50 18.04 -3.17
N LYS A 54 20.08 19.27 -3.40
CA LYS A 54 20.88 20.45 -3.01
C LYS A 54 19.97 21.64 -2.71
N LEU A 55 20.51 22.65 -2.05
CA LEU A 55 19.74 23.88 -1.75
C LEU A 55 19.54 24.60 -3.08
N PRO A 56 18.33 25.13 -3.33
CA PRO A 56 18.05 25.80 -4.59
C PRO A 56 18.68 27.19 -4.65
N THR A 57 18.93 27.67 -5.86
CA THR A 57 19.16 29.12 -6.11
C THR A 57 17.85 29.88 -6.00
N ARG A 58 17.92 31.22 -5.95
CA ARG A 58 16.72 32.10 -5.88
C ARG A 58 15.81 31.75 -7.06
N HIS A 59 16.36 31.63 -8.26
CA HIS A 59 15.53 31.32 -9.46
C HIS A 59 14.91 29.93 -9.31
N GLU A 60 15.70 28.93 -8.90
CA GLU A 60 15.16 27.56 -8.80
C GLU A 60 14.02 27.55 -7.77
N LEU A 61 14.13 28.35 -6.72
CA LEU A 61 13.16 28.23 -5.59
C LEU A 61 11.86 28.96 -5.97
N ASP A 62 11.99 30.09 -6.67
CA ASP A 62 10.83 30.87 -7.19
C ASP A 62 10.03 29.97 -8.12
N ASP A 63 10.69 29.26 -9.06
CA ASP A 63 9.98 28.35 -10.00
C ASP A 63 9.31 27.18 -9.25
N PHE A 64 10.01 26.57 -8.31
CA PHE A 64 9.50 25.40 -7.55
C PHE A 64 8.29 25.84 -6.72
N LYS A 65 8.38 26.98 -6.06
CA LYS A 65 7.28 27.54 -5.24
C LYS A 65 6.03 27.73 -6.10
N SER A 66 6.18 28.25 -7.33
CA SER A 66 5.10 28.36 -8.33
C SER A 66 4.54 27.00 -8.66
N ARG A 67 5.40 26.03 -8.97
CA ARG A 67 4.92 24.70 -9.38
C ARG A 67 4.04 24.13 -8.26
N LEU A 68 4.43 24.34 -7.00
CA LEU A 68 3.66 23.80 -5.86
C LEU A 68 2.34 24.58 -5.75
N ALA A 69 2.41 25.92 -5.83
CA ALA A 69 1.22 26.78 -5.66
C ALA A 69 0.19 26.51 -6.75
N GLU A 70 0.62 26.16 -7.97
CA GLU A 70 -0.26 25.92 -9.14
C GLU A 70 -1.00 24.57 -9.06
N GLU A 71 -0.58 23.66 -8.18
CA GLU A 71 -1.16 22.30 -8.16
C GLU A 71 -2.06 22.10 -6.95
N ARG A 72 -2.42 23.14 -6.19
CA ARG A 72 -3.12 22.91 -4.89
C ARG A 72 -4.59 22.55 -5.08
N SER A 73 -5.13 22.76 -6.27
CA SER A 73 -6.57 22.58 -6.53
C SER A 73 -6.86 21.10 -6.60
N ILE A 74 -8.08 20.71 -6.22
CA ILE A 74 -8.53 19.31 -6.27
C ILE A 74 -9.77 19.20 -7.17
N SER A 75 -9.89 18.07 -7.83
CA SER A 75 -11.01 17.69 -8.71
C SER A 75 -12.36 17.74 -7.96
N GLU A 76 -13.42 18.01 -8.72
CA GLU A 76 -14.80 18.00 -8.19
C GLU A 76 -15.08 16.64 -7.55
N ASP A 77 -14.63 15.56 -8.19
CA ASP A 77 -14.83 14.19 -7.67
C ASP A 77 -14.21 14.08 -6.26
N ILE A 78 -13.01 14.62 -6.07
CA ILE A 78 -12.29 14.48 -4.77
C ILE A 78 -13.01 15.35 -3.78
N SER A 79 -13.33 16.60 -4.13
CA SER A 79 -13.90 17.55 -3.16
C SER A 79 -15.29 17.04 -2.74
N THR A 80 -16.08 16.49 -3.65
CA THR A 80 -17.42 15.94 -3.31
C THR A 80 -17.27 14.74 -2.39
N PHE A 81 -16.34 13.83 -2.69
CA PHE A 81 -16.05 12.67 -1.81
C PHE A 81 -15.67 13.14 -0.41
N VAL A 82 -14.76 14.10 -0.30
CA VAL A 82 -14.33 14.61 1.03
C VAL A 82 -15.55 15.19 1.76
N LYS A 83 -16.31 16.07 1.11
CA LYS A 83 -17.50 16.70 1.75
C LYS A 83 -18.49 15.64 2.26
N ARG A 84 -18.70 14.57 1.50
CA ARG A 84 -19.63 13.47 1.84
C ARG A 84 -19.14 12.72 3.10
N THR A 85 -17.83 12.55 3.31
CA THR A 85 -17.27 11.59 4.30
C THR A 85 -16.56 12.30 5.49
N ALA A 86 -16.36 13.61 5.43
CA ALA A 86 -15.52 14.37 6.40
C ALA A 86 -16.03 14.12 7.82
N LYS A 87 -17.35 14.03 8.01
CA LYS A 87 -17.90 13.97 9.39
C LYS A 87 -17.93 12.53 9.90
N PHE A 88 -17.83 11.55 9.03
CA PHE A 88 -18.13 10.13 9.33
C PHE A 88 -16.87 9.26 9.21
N GLY A 89 -16.04 9.52 8.20
CA GLY A 89 -14.95 8.61 7.85
C GLY A 89 -13.71 8.83 8.73
N ASN A 90 -12.93 7.79 8.94
CA ASN A 90 -11.60 7.94 9.55
C ASN A 90 -10.74 8.82 8.62
N PRO A 91 -10.16 9.93 9.09
CA PRO A 91 -9.48 10.85 8.16
C PRO A 91 -8.32 10.23 7.37
N MET A 92 -7.68 9.18 7.89
CA MET A 92 -6.63 8.46 7.09
C MET A 92 -7.29 7.62 6.00
N ASP A 93 -8.51 7.10 6.23
CA ASP A 93 -9.26 6.38 5.16
C ASP A 93 -9.61 7.38 4.06
N ILE A 94 -9.99 8.60 4.45
CA ILE A 94 -10.34 9.63 3.44
C ILE A 94 -9.08 9.95 2.64
N LEU A 95 -7.98 10.20 3.32
CA LEU A 95 -6.74 10.55 2.61
C LEU A 95 -6.31 9.42 1.68
N ARG A 96 -6.30 8.19 2.19
CA ARG A 96 -5.91 6.97 1.42
C ARG A 96 -6.73 6.95 0.10
N THR A 97 -8.04 7.17 0.21
CA THR A 97 -8.99 7.10 -0.94
C THR A 97 -8.72 8.24 -1.92
N THR A 98 -8.51 9.46 -1.41
CA THR A 98 -8.38 10.65 -2.29
C THR A 98 -7.04 10.62 -3.00
N VAL A 99 -5.98 10.07 -2.39
CA VAL A 99 -4.68 9.91 -3.11
C VAL A 99 -4.84 8.80 -4.16
N SER A 100 -5.62 7.79 -3.86
CA SER A 100 -5.96 6.71 -4.83
C SER A 100 -6.67 7.34 -6.04
N MET A 101 -7.63 8.22 -5.79
CA MET A 101 -8.38 8.96 -6.84
C MET A 101 -7.45 9.88 -7.65
N MET A 102 -6.51 10.56 -7.01
CA MET A 102 -5.48 11.38 -7.71
C MET A 102 -4.77 10.53 -8.73
N GLY A 103 -4.34 9.34 -8.35
CA GLY A 103 -3.59 8.44 -9.23
C GLY A 103 -4.40 8.05 -10.44
N LEU A 104 -5.62 7.58 -10.20
CA LEU A 104 -6.61 7.22 -11.22
C LEU A 104 -6.79 8.38 -12.19
N GLU A 105 -6.79 9.65 -11.73
CA GLU A 105 -7.13 10.83 -12.58
C GLU A 105 -5.90 11.32 -13.35
N ASP A 106 -4.72 10.80 -13.06
CA ASP A 106 -3.43 11.19 -13.69
C ASP A 106 -2.90 10.00 -14.48
N ARG A 107 -3.13 9.93 -15.78
CA ARG A 107 -2.63 8.74 -16.51
C ARG A 107 -1.33 9.07 -17.26
N SER A 108 -0.72 10.24 -17.02
CA SER A 108 0.62 10.60 -17.57
C SER A 108 1.67 9.58 -17.11
N GLU A 109 2.69 9.32 -17.93
CA GLU A 109 3.81 8.35 -17.66
C GLU A 109 4.98 9.12 -17.04
N GLY A 110 5.78 8.47 -16.21
CA GLY A 110 7.04 9.05 -15.70
C GLY A 110 6.77 10.25 -14.81
N ASP A 111 7.72 11.19 -14.75
CA ASP A 111 7.60 12.47 -14.01
C ASP A 111 7.25 12.19 -12.53
N LEU A 112 8.00 11.26 -11.91
CA LEU A 112 7.81 10.89 -10.50
C LEU A 112 7.78 12.16 -9.65
N ILE A 113 8.75 13.07 -9.81
CA ILE A 113 8.84 14.26 -8.92
C ILE A 113 7.67 15.22 -9.20
N GLY A 114 7.24 15.37 -10.46
CA GLY A 114 6.03 16.14 -10.80
C GLY A 114 4.78 15.62 -10.08
N LYS A 115 4.63 14.29 -9.98
CA LYS A 115 3.47 13.65 -9.32
C LYS A 115 3.65 13.79 -7.80
N ALA A 116 4.88 13.70 -7.31
CA ALA A 116 5.16 13.97 -5.87
C ALA A 116 4.76 15.42 -5.56
N ILE A 117 5.09 16.37 -6.42
CA ILE A 117 4.71 17.80 -6.23
C ILE A 117 3.19 17.92 -6.17
N LYS A 118 2.48 17.23 -7.04
CA LYS A 118 0.99 17.23 -7.09
C LYS A 118 0.41 16.70 -5.78
N MET A 119 0.87 15.56 -5.31
CA MET A 119 0.35 15.03 -4.03
C MET A 119 0.65 16.00 -2.86
N THR A 120 1.86 16.54 -2.78
CA THR A 120 2.32 17.43 -1.69
C THR A 120 1.49 18.72 -1.71
N ALA A 121 1.18 19.25 -2.88
CA ALA A 121 0.35 20.46 -3.02
C ALA A 121 -1.11 20.18 -2.63
N LYS A 122 -1.67 19.03 -2.99
CA LYS A 122 -3.13 18.81 -2.88
C LYS A 122 -3.49 18.30 -1.49
N ILE A 123 -2.59 17.61 -0.80
CA ILE A 123 -3.00 16.94 0.46
C ILE A 123 -3.51 17.98 1.45
N PRO A 124 -2.86 19.13 1.63
CA PRO A 124 -3.37 20.16 2.54
C PRO A 124 -4.76 20.70 2.18
N THR A 125 -5.05 20.80 0.89
CA THR A 125 -6.39 21.19 0.38
C THR A 125 -7.45 20.18 0.87
N ILE A 126 -7.13 18.89 0.81
CA ILE A 126 -8.02 17.79 1.30
C ILE A 126 -8.18 17.89 2.81
N ILE A 127 -7.07 18.02 3.54
CA ILE A 127 -7.11 18.14 5.03
C ILE A 127 -7.98 19.33 5.41
N SER A 128 -7.76 20.48 4.79
CA SER A 128 -8.50 21.73 5.11
C SER A 128 -9.99 21.52 4.85
N LEU A 129 -10.36 20.89 3.74
CA LEU A 129 -11.78 20.62 3.40
C LEU A 129 -12.40 19.70 4.45
N ILE A 130 -11.69 18.69 4.92
CA ILE A 130 -12.21 17.79 6.00
C ILE A 130 -12.50 18.69 7.18
N GLN A 131 -11.54 19.52 7.59
CA GLN A 131 -11.64 20.30 8.84
C GLN A 131 -12.80 21.30 8.73
N ARG A 132 -12.83 22.06 7.64
CA ARG A 132 -13.88 23.06 7.35
C ARG A 132 -15.23 22.34 7.37
N THR A 133 -15.36 21.22 6.66
CA THR A 133 -16.67 20.50 6.58
C THR A 133 -17.11 20.05 7.98
N ARG A 134 -16.19 19.55 8.81
CA ARG A 134 -16.57 19.12 10.17
C ARG A 134 -17.11 20.30 10.97
N ARG A 135 -16.67 21.51 10.69
CA ARG A 135 -17.09 22.69 11.49
C ARG A 135 -18.24 23.41 10.79
N ASN A 136 -18.88 22.78 9.80
CA ASN A 136 -20.00 23.36 9.02
C ASN A 136 -19.51 24.67 8.42
N GLN A 137 -18.26 24.69 7.93
CA GLN A 137 -17.68 25.87 7.30
C GLN A 137 -17.51 25.63 5.83
N GLU A 138 -17.49 26.70 5.07
CA GLU A 138 -17.40 26.68 3.59
C GLU A 138 -15.94 26.40 3.23
N PHE A 139 -15.72 25.59 2.22
CA PHE A 139 -14.38 25.37 1.60
C PHE A 139 -13.73 26.74 1.35
N VAL A 140 -12.47 26.90 1.78
CA VAL A 140 -11.61 28.05 1.39
C VAL A 140 -10.65 27.59 0.30
N GLU A 141 -10.78 28.16 -0.91
CA GLU A 141 -9.95 27.76 -2.08
C GLU A 141 -8.50 28.14 -1.81
N PRO A 142 -7.53 27.32 -2.27
CA PRO A 142 -6.12 27.68 -2.18
C PRO A 142 -5.87 29.02 -2.86
N ASP A 143 -5.04 29.85 -2.23
CA ASP A 143 -4.53 31.13 -2.75
C ASP A 143 -3.10 30.95 -3.27
N PRO A 144 -2.92 30.95 -4.61
CA PRO A 144 -1.60 30.78 -5.23
C PRO A 144 -0.55 31.84 -4.90
N SER A 145 -0.93 32.98 -4.32
CA SER A 145 0.01 34.04 -3.91
C SER A 145 0.57 33.72 -2.52
N LEU A 146 0.07 32.71 -1.82
CA LEU A 146 0.56 32.39 -0.47
C LEU A 146 1.55 31.22 -0.58
N SER A 147 2.52 31.21 0.31
CA SER A 147 3.45 30.08 0.58
C SER A 147 2.63 28.89 1.06
N HIS A 148 3.22 27.72 0.95
CA HIS A 148 2.63 26.44 1.39
C HIS A 148 2.03 26.57 2.80
N SER A 149 2.78 26.99 3.80
CA SER A 149 2.34 26.96 5.22
C SER A 149 1.32 28.10 5.47
N GLU A 150 1.54 29.24 4.85
CA GLU A 150 0.62 30.40 4.92
C GLU A 150 -0.76 29.98 4.35
N ASN A 151 -0.72 29.38 3.18
CA ASN A 151 -1.94 28.87 2.53
C ASN A 151 -2.66 27.86 3.40
N PHE A 152 -1.92 26.90 3.96
CA PHE A 152 -2.49 25.80 4.78
C PHE A 152 -3.35 26.44 5.90
N LEU A 153 -2.81 27.38 6.63
CA LEU A 153 -3.55 27.99 7.77
C LEU A 153 -4.70 28.83 7.20
N TYR A 154 -4.46 29.54 6.12
CA TYR A 154 -5.52 30.30 5.42
C TYR A 154 -6.72 29.39 5.09
N MET A 155 -6.50 28.19 4.55
CA MET A 155 -7.59 27.30 4.15
C MET A 155 -8.37 26.75 5.35
N ILE A 156 -7.75 26.74 6.53
CA ILE A 156 -8.35 26.25 7.80
C ILE A 156 -9.16 27.39 8.43
N ARG A 157 -8.59 28.58 8.47
CA ARG A 157 -9.13 29.73 9.26
C ARG A 157 -9.98 30.66 8.37
N GLY A 158 -9.72 30.72 7.07
CA GLY A 158 -10.42 31.67 6.17
C GLY A 158 -9.84 33.06 6.26
N GLU A 159 -8.78 33.23 7.04
CA GLU A 159 -8.03 34.52 7.07
C GLU A 159 -6.54 34.22 7.05
N ARG A 160 -5.76 35.14 6.48
CA ARG A 160 -4.29 35.00 6.35
C ARG A 160 -3.71 34.95 7.76
N PRO A 161 -2.81 33.98 8.05
CA PRO A 161 -2.24 33.88 9.39
C PRO A 161 -1.20 34.97 9.63
N SER A 162 -0.85 35.19 10.90
CA SER A 162 0.35 35.97 11.30
C SER A 162 1.63 35.29 10.81
N PRO A 163 2.71 36.06 10.51
CA PRO A 163 3.99 35.44 10.16
C PRO A 163 4.58 34.50 11.24
N SER A 164 4.31 34.74 12.53
CA SER A 164 4.76 33.84 13.64
C SER A 164 4.03 32.49 13.56
N ASP A 165 2.71 32.49 13.35
CA ASP A 165 1.95 31.21 13.21
C ASP A 165 2.43 30.46 11.95
N THR A 166 2.71 31.17 10.86
CA THR A 166 3.23 30.60 9.60
C THR A 166 4.57 29.90 9.83
N ARG A 167 5.49 30.54 10.55
CA ARG A 167 6.83 29.97 10.82
C ARG A 167 6.71 28.70 11.67
N VAL A 168 5.87 28.72 12.70
CA VAL A 168 5.67 27.52 13.56
C VAL A 168 5.14 26.34 12.72
N LEU A 169 4.17 26.57 11.83
CA LEU A 169 3.62 25.47 10.99
C LEU A 169 4.72 25.05 10.02
N ASP A 170 5.47 26.00 9.44
CA ASP A 170 6.53 25.73 8.47
C ASP A 170 7.56 24.76 9.11
N VAL A 171 8.02 25.08 10.30
CA VAL A 171 9.00 24.27 11.06
C VAL A 171 8.39 22.91 11.40
N SER A 172 7.19 22.88 11.97
CA SER A 172 6.47 21.64 12.33
C SER A 172 6.34 20.72 11.11
N LEU A 173 6.05 21.22 9.94
CA LEU A 173 6.00 20.34 8.75
C LEU A 173 7.41 19.86 8.37
N MET A 174 8.41 20.77 8.34
CA MET A 174 9.78 20.42 7.91
C MET A 174 10.25 19.24 8.77
N LEU A 175 9.92 19.28 10.06
CA LEU A 175 10.41 18.28 11.06
C LEU A 175 9.84 16.89 10.76
N HIS A 176 8.73 16.79 10.03
CA HIS A 176 8.08 15.51 9.68
C HIS A 176 8.38 15.04 8.26
N MET A 177 9.16 15.76 7.48
CA MET A 177 9.31 15.43 6.05
C MET A 177 10.01 14.07 5.84
N ASP A 178 10.96 13.67 6.70
CA ASP A 178 11.58 12.32 6.48
C ASP A 178 12.21 11.82 7.76
N HIS A 179 12.21 10.49 7.94
CA HIS A 179 12.89 9.89 9.10
C HIS A 179 13.50 8.54 8.70
N GLU A 180 14.15 8.49 7.56
CA GLU A 180 14.92 7.31 7.07
C GLU A 180 13.88 6.19 6.97
N MET A 181 14.18 5.04 7.54
CA MET A 181 13.44 3.82 7.19
C MET A 181 12.51 3.50 8.36
N ASN A 182 11.30 3.04 8.04
CA ASN A 182 10.24 2.64 9.00
C ASN A 182 9.18 1.91 8.20
N ALA A 183 8.10 1.45 8.82
CA ALA A 183 7.09 0.61 8.14
C ALA A 183 6.49 1.34 6.91
N SER A 184 6.12 2.62 7.03
CA SER A 184 5.49 3.39 5.91
C SER A 184 6.47 3.53 4.75
N THR A 185 7.73 3.87 5.01
CA THR A 185 8.74 4.00 3.93
C THR A 185 8.88 2.64 3.27
N MET A 186 8.90 1.59 4.07
CA MET A 186 9.08 0.21 3.56
C MET A 186 7.89 -0.17 2.65
N ALA A 187 6.65 0.12 3.06
CA ALA A 187 5.42 -0.15 2.26
C ALA A 187 5.54 0.55 0.91
N CYS A 188 5.94 1.82 0.91
CA CYS A 188 6.16 2.60 -0.35
C CYS A 188 7.16 1.88 -1.25
N LEU A 189 8.29 1.44 -0.69
CA LEU A 189 9.40 0.85 -1.47
C LEU A 189 8.98 -0.52 -2.04
N VAL A 190 8.25 -1.33 -1.26
CA VAL A 190 7.79 -2.68 -1.71
C VAL A 190 6.97 -2.48 -2.99
N VAL A 191 6.01 -1.57 -2.92
CA VAL A 191 5.12 -1.22 -4.06
C VAL A 191 5.94 -0.65 -5.22
N ALA A 192 6.84 0.30 -4.98
CA ALA A 192 7.68 0.93 -6.02
C ALA A 192 8.54 -0.16 -6.69
N SER A 193 9.00 -1.15 -5.92
CA SER A 193 9.95 -2.18 -6.41
C SER A 193 9.35 -3.00 -7.58
N THR A 194 8.02 -3.07 -7.67
CA THR A 194 7.31 -3.79 -8.74
C THR A 194 7.20 -2.91 -10.01
N LEU A 195 7.63 -1.65 -9.91
CA LEU A 195 7.52 -0.57 -10.94
C LEU A 195 6.05 -0.16 -11.02
N SER A 196 5.31 -0.33 -9.94
CA SER A 196 3.98 0.34 -9.80
C SER A 196 4.21 1.84 -9.78
N ASP A 197 3.17 2.63 -10.01
CA ASP A 197 3.23 4.11 -10.07
C ASP A 197 3.39 4.71 -8.66
N ILE A 198 3.88 5.94 -8.63
CA ILE A 198 4.25 6.65 -7.38
C ILE A 198 3.00 6.92 -6.52
N TYR A 199 1.83 7.12 -7.11
CA TYR A 199 0.59 7.27 -6.31
C TYR A 199 0.27 5.96 -5.57
N SER A 200 0.40 4.81 -6.24
CA SER A 200 0.26 3.48 -5.61
C SER A 200 1.22 3.37 -4.41
N SER A 201 2.49 3.79 -4.55
CA SER A 201 3.50 3.78 -3.47
C SER A 201 2.99 4.59 -2.30
N VAL A 202 2.50 5.79 -2.56
CA VAL A 202 2.07 6.71 -1.48
C VAL A 202 0.79 6.17 -0.82
N VAL A 203 -0.09 5.58 -1.60
CA VAL A 203 -1.32 4.97 -1.01
C VAL A 203 -0.91 3.91 0.01
N ALA A 204 0.08 3.08 -0.34
CA ALA A 204 0.58 2.04 0.56
C ALA A 204 1.25 2.69 1.79
N GLY A 205 2.05 3.74 1.63
CA GLY A 205 2.60 4.50 2.77
C GLY A 205 1.51 4.96 3.74
N ILE A 206 0.45 5.58 3.23
CA ILE A 206 -0.69 6.07 4.07
C ILE A 206 -1.36 4.90 4.81
N SER A 207 -1.59 3.79 4.11
CA SER A 207 -2.18 2.54 4.65
C SER A 207 -1.36 2.07 5.86
N ALA A 208 -0.01 2.09 5.77
CA ALA A 208 0.90 1.67 6.85
C ALA A 208 0.90 2.74 7.95
N LEU A 209 0.98 4.01 7.58
CA LEU A 209 1.07 5.15 8.56
C LEU A 209 -0.15 5.17 9.48
N LYS A 210 -1.31 4.75 9.00
CA LYS A 210 -2.57 4.74 9.76
C LYS A 210 -2.44 3.86 11.03
N GLY A 211 -1.67 2.78 10.96
CA GLY A 211 -1.61 1.79 12.05
C GLY A 211 -0.99 2.35 13.32
N PRO A 212 -1.61 2.07 14.49
CA PRO A 212 -1.14 2.65 15.75
C PRO A 212 0.28 2.23 16.15
N LEU A 213 0.85 1.14 15.64
CA LEU A 213 2.23 0.75 16.00
C LEU A 213 3.26 1.55 15.17
N HIS A 214 2.87 2.32 14.16
CA HIS A 214 3.86 2.86 13.19
C HIS A 214 4.96 3.69 13.89
N GLY A 215 4.57 4.55 14.82
CA GLY A 215 5.45 5.52 15.51
C GLY A 215 5.19 6.92 14.99
N GLY A 216 5.11 7.94 15.86
CA GLY A 216 5.16 9.35 15.43
C GLY A 216 3.80 9.93 15.01
N ALA A 217 2.95 9.18 14.31
CA ALA A 217 1.72 9.69 13.66
C ALA A 217 0.50 9.50 14.56
N ASN A 218 0.54 9.95 15.81
CA ASN A 218 -0.61 9.82 16.74
C ASN A 218 -0.67 11.02 17.70
N SER A 219 -1.82 11.15 18.36
CA SER A 219 -2.26 12.24 19.27
C SER A 219 -2.35 11.75 20.72
N GLU A 220 -1.75 10.61 21.06
CA GLU A 220 -1.91 10.01 22.43
C GLU A 220 -1.30 10.92 23.51
N ALA A 221 -0.22 11.65 23.22
CA ALA A 221 0.39 12.55 24.24
C ALA A 221 -0.56 13.70 24.57
N LEU A 222 -1.12 14.33 23.55
CA LEU A 222 -2.12 15.42 23.74
C LEU A 222 -3.31 14.91 24.58
N LYS A 223 -3.85 13.76 24.26
CA LYS A 223 -5.00 13.15 25.02
C LYS A 223 -4.60 13.01 26.48
N GLN A 224 -3.37 12.59 26.73
CA GLN A 224 -2.84 12.43 28.11
C GLN A 224 -2.72 13.82 28.74
N PHE A 225 -2.29 14.87 28.02
CA PHE A 225 -2.21 16.20 28.66
C PHE A 225 -3.63 16.65 29.08
N MET A 226 -4.61 16.39 28.23
CA MET A 226 -6.03 16.77 28.45
C MET A 226 -6.60 15.97 29.63
N GLU A 227 -6.30 14.67 29.75
CA GLU A 227 -6.70 13.86 30.94
C GLU A 227 -6.07 14.43 32.21
N ILE A 228 -4.80 14.86 32.18
CA ILE A 228 -4.13 15.42 33.39
C ILE A 228 -4.89 16.67 33.89
N GLU A 229 -5.30 17.54 32.96
CA GLU A 229 -6.23 18.68 33.14
C GLU A 229 -5.55 19.88 33.84
N THR A 230 -4.84 19.67 34.95
CA THR A 230 -4.19 20.79 35.70
C THR A 230 -2.69 20.51 35.87
N PRO A 231 -1.83 21.56 35.81
CA PRO A 231 -0.40 21.41 36.05
C PRO A 231 -0.09 20.75 37.41
N ASP A 232 -0.95 21.00 38.41
CA ASP A 232 -0.79 20.52 39.81
C ASP A 232 -1.01 19.00 39.84
N ASN A 233 -1.72 18.45 38.87
CA ASN A 233 -2.09 17.03 38.85
C ASN A 233 -1.01 16.19 38.13
N VAL A 234 0.05 16.82 37.60
CA VAL A 234 1.04 16.08 36.77
C VAL A 234 1.76 15.00 37.58
N GLU A 235 2.38 15.34 38.71
CA GLU A 235 3.24 14.36 39.44
C GLU A 235 2.39 13.13 39.70
N LYS A 236 1.16 13.36 40.17
CA LYS A 236 0.28 12.26 40.62
C LYS A 236 -0.14 11.40 39.42
N TYR A 237 -0.56 12.03 38.32
CA TYR A 237 -1.01 11.28 37.11
C TYR A 237 0.11 10.37 36.63
N VAL A 238 1.32 10.92 36.46
CA VAL A 238 2.47 10.21 35.81
C VAL A 238 2.92 9.08 36.76
N MET A 239 3.17 9.41 38.03
CA MET A 239 3.54 8.39 39.05
C MET A 239 2.50 7.27 39.04
N ASN A 240 1.20 7.57 39.01
CA ASN A 240 0.17 6.49 39.02
C ASN A 240 0.14 5.70 37.70
N LYS A 241 0.46 6.32 36.56
CA LYS A 241 0.54 5.59 35.26
C LYS A 241 1.69 4.60 35.31
N LEU A 242 2.84 5.08 35.73
CA LEU A 242 4.09 4.28 35.66
C LEU A 242 4.06 3.17 36.73
N SER A 243 3.33 3.38 37.83
CA SER A 243 3.21 2.38 38.92
C SER A 243 2.14 1.33 38.56
N SER A 244 1.29 1.58 37.55
CA SER A 244 0.22 0.61 37.16
C SER A 244 0.56 -0.05 35.84
N GLY A 245 1.82 -0.03 35.42
CA GLY A 245 2.29 -0.79 34.24
C GLY A 245 1.97 -0.06 32.93
N GLN A 246 1.51 1.19 32.98
CA GLN A 246 1.19 1.92 31.72
C GLN A 246 2.39 2.78 31.30
N ARG A 247 2.32 3.34 30.09
CA ARG A 247 3.44 4.10 29.47
C ARG A 247 3.19 5.60 29.57
N LEU A 248 4.25 6.39 29.62
CA LEU A 248 4.11 7.84 29.44
C LEU A 248 4.06 8.09 27.92
N MET A 249 2.96 8.65 27.44
CA MET A 249 2.73 8.82 25.96
C MET A 249 3.69 9.90 25.45
N GLY A 250 4.22 9.73 24.24
CA GLY A 250 5.15 10.68 23.61
C GLY A 250 6.57 10.53 24.09
N PHE A 251 6.85 9.49 24.87
CA PHE A 251 8.21 9.11 25.33
C PHE A 251 8.60 7.77 24.70
N GLY A 252 9.88 7.62 24.40
CA GLY A 252 10.40 6.38 23.79
C GLY A 252 10.58 6.55 22.29
N HIS A 253 11.66 5.93 21.79
CA HIS A 253 12.00 5.88 20.35
C HIS A 253 12.82 4.61 20.10
N ARG A 254 12.58 3.93 18.97
CA ARG A 254 13.41 2.78 18.52
C ARG A 254 14.84 3.28 18.23
N ILE A 255 15.10 4.56 17.96
CA ILE A 255 16.46 4.99 17.55
C ILE A 255 17.07 6.00 18.53
N TYR A 256 16.39 7.07 18.90
CA TYR A 256 16.99 8.11 19.77
C TYR A 256 17.12 7.55 21.20
N LYS A 257 18.30 7.69 21.79
CA LYS A 257 18.58 7.28 23.20
C LYS A 257 18.82 8.57 23.98
N THR A 258 18.29 9.65 23.43
CA THR A 258 18.29 10.98 24.04
C THR A 258 17.02 11.69 23.54
N MET A 259 16.83 12.91 24.00
CA MET A 259 15.84 13.87 23.47
C MET A 259 15.81 13.80 21.93
N ASP A 260 14.67 13.45 21.34
CA ASP A 260 14.44 13.59 19.88
C ASP A 260 14.71 15.04 19.52
N PRO A 261 15.62 15.31 18.57
CA PRO A 261 15.91 16.68 18.13
C PRO A 261 14.69 17.40 17.57
N ARG A 262 13.74 16.65 17.00
CA ARG A 262 12.48 17.20 16.47
C ARG A 262 11.63 17.69 17.67
N ALA A 263 11.63 16.99 18.80
CA ALA A 263 10.92 17.41 20.03
C ALA A 263 11.56 18.68 20.60
N LYS A 264 12.87 18.77 20.62
CA LYS A 264 13.58 19.95 21.16
C LYS A 264 13.25 21.18 20.30
N ILE A 265 13.24 21.03 18.97
CA ILE A 265 12.88 22.16 18.06
C ILE A 265 11.42 22.56 18.25
N LEU A 266 10.48 21.60 18.29
CA LEU A 266 9.04 21.93 18.48
C LEU A 266 8.87 22.67 19.81
N LYS A 267 9.56 22.24 20.85
CA LYS A 267 9.42 22.91 22.16
C LYS A 267 9.84 24.38 22.08
N GLU A 268 10.96 24.65 21.41
CA GLU A 268 11.48 26.04 21.24
C GLU A 268 10.51 26.87 20.41
N TYR A 269 10.07 26.36 19.25
CA TYR A 269 9.18 27.14 18.36
C TYR A 269 7.79 27.33 18.97
N ALA A 270 7.31 26.38 19.76
CA ALA A 270 6.01 26.51 20.46
C ALA A 270 6.01 27.80 21.30
N ASN A 271 7.16 28.30 21.73
CA ASN A 271 7.24 29.56 22.52
C ASN A 271 6.70 30.76 21.74
N GLN A 272 6.77 30.75 20.40
CA GLN A 272 6.35 31.87 19.51
C GLN A 272 4.86 31.77 19.18
N LEU A 273 4.18 30.69 19.56
CA LEU A 273 2.70 30.59 19.38
C LEU A 273 2.06 31.54 20.40
N SER A 274 1.12 32.37 20.01
CA SER A 274 0.31 33.13 21.00
C SER A 274 -0.79 32.17 21.41
N LYS A 275 -1.03 32.03 22.70
CA LYS A 275 -1.84 30.93 23.22
C LYS A 275 -3.04 31.47 23.97
N ASN A 276 -4.22 30.91 23.73
CA ASN A 276 -5.40 31.13 24.60
C ASN A 276 -5.21 30.38 25.93
N GLU A 277 -6.19 30.44 26.83
CA GLU A 277 -6.06 29.91 28.20
C GLU A 277 -5.86 28.40 28.16
N GLU A 278 -6.67 27.67 27.39
CA GLU A 278 -6.56 26.20 27.21
C GLU A 278 -5.13 25.80 26.80
N ILE A 279 -4.62 26.39 25.71
CA ILE A 279 -3.29 26.06 25.13
C ILE A 279 -2.20 26.45 26.13
N LYS A 280 -2.34 27.58 26.82
CA LYS A 280 -1.38 27.95 27.88
C LYS A 280 -1.29 26.81 28.93
N ARG A 281 -2.45 26.36 29.42
CA ARG A 281 -2.61 25.29 30.43
C ARG A 281 -1.97 23.99 29.90
N LEU A 282 -2.31 23.57 28.67
CA LEU A 282 -1.84 22.29 28.08
C LEU A 282 -0.32 22.29 27.95
N PHE A 283 0.27 23.41 27.57
CA PHE A 283 1.73 23.59 27.44
C PHE A 283 2.37 23.54 28.82
N GLU A 284 1.74 24.11 29.85
CA GLU A 284 2.27 24.07 31.25
C GLU A 284 2.31 22.60 31.69
N ILE A 285 1.21 21.89 31.46
CA ILE A 285 1.11 20.43 31.72
C ILE A 285 2.22 19.71 30.93
N ALA A 286 2.35 19.91 29.62
CA ALA A 286 3.34 19.19 28.78
C ALA A 286 4.76 19.43 29.33
N ASN A 287 5.12 20.67 29.68
CA ASN A 287 6.50 21.02 30.12
C ASN A 287 6.78 20.34 31.46
N ARG A 288 5.78 20.24 32.34
CA ARG A 288 5.95 19.49 33.62
C ARG A 288 6.10 17.98 33.35
N VAL A 289 5.27 17.40 32.48
CA VAL A 289 5.33 15.95 32.19
C VAL A 289 6.72 15.64 31.65
N GLU A 290 7.23 16.49 30.77
CA GLU A 290 8.57 16.32 30.16
C GLU A 290 9.62 16.27 31.28
N GLU A 291 9.66 17.29 32.13
CA GLU A 291 10.65 17.43 33.24
C GLU A 291 10.64 16.14 34.08
N ILE A 292 9.46 15.81 34.59
CA ILE A 292 9.21 14.61 35.43
C ILE A 292 9.61 13.35 34.65
N GLY A 293 9.12 13.19 33.42
CA GLY A 293 9.34 11.94 32.66
C GLY A 293 10.81 11.68 32.39
N ILE A 294 11.58 12.72 32.10
CA ILE A 294 13.06 12.64 31.87
C ILE A 294 13.71 12.17 33.18
N LYS A 295 13.35 12.77 34.31
CA LYS A 295 13.85 12.40 35.66
C LYS A 295 13.68 10.89 35.86
N ILE A 296 12.48 10.36 35.65
CA ILE A 296 12.16 8.93 35.91
C ILE A 296 12.79 8.02 34.85
N LEU A 297 12.61 8.33 33.55
CA LEU A 297 12.79 7.35 32.45
C LEU A 297 14.10 7.61 31.69
N GLY A 298 14.67 8.82 31.81
CA GLY A 298 15.91 9.26 31.12
C GLY A 298 17.09 8.30 31.25
N LYS A 299 17.48 7.96 32.49
CA LYS A 299 18.56 6.97 32.80
C LYS A 299 18.39 5.69 31.98
N ARG A 300 17.14 5.33 31.64
CA ARG A 300 16.86 4.10 30.87
C ARG A 300 16.85 4.42 29.37
N GLY A 301 17.27 5.62 28.96
CA GLY A 301 17.30 6.04 27.54
C GLY A 301 15.91 6.20 26.94
N ILE A 302 14.91 6.51 27.77
CA ILE A 302 13.51 6.82 27.34
C ILE A 302 13.29 8.33 27.51
N TYR A 303 13.15 9.01 26.37
CA TYR A 303 13.08 10.48 26.29
C TYR A 303 11.89 10.88 25.44
N PRO A 304 11.49 12.15 25.49
CA PRO A 304 10.47 12.64 24.57
C PRO A 304 10.81 12.36 23.09
N ASN A 305 9.82 11.92 22.34
CA ASN A 305 9.90 11.83 20.87
C ASN A 305 9.14 13.03 20.26
N VAL A 306 9.10 13.09 18.93
CA VAL A 306 8.52 14.23 18.16
C VAL A 306 7.05 14.32 18.55
N ASP A 307 6.41 13.18 18.79
CA ASP A 307 4.93 13.17 19.02
C ASP A 307 4.58 13.56 20.46
N PHE A 308 5.54 13.90 21.32
CA PHE A 308 5.23 14.48 22.64
C PHE A 308 4.63 15.89 22.48
N TYR A 309 5.17 16.68 21.55
CA TYR A 309 4.73 18.09 21.34
C TYR A 309 3.93 18.24 20.04
N SER A 310 4.08 17.36 19.05
CA SER A 310 3.54 17.65 17.71
C SER A 310 2.00 17.81 17.80
N GLY A 311 1.31 16.89 18.45
CA GLY A 311 -0.16 16.95 18.51
C GLY A 311 -0.62 18.27 19.12
N LEU A 312 0.02 18.66 20.23
CA LEU A 312 -0.33 19.90 20.94
C LEU A 312 -0.06 21.10 20.03
N VAL A 313 1.03 21.10 19.28
CA VAL A 313 1.35 22.26 18.39
C VAL A 313 0.26 22.36 17.32
N PHE A 314 -0.08 21.27 16.65
CA PHE A 314 -1.09 21.29 15.57
C PHE A 314 -2.46 21.66 16.15
N TYR A 315 -2.78 21.15 17.33
CA TYR A 315 -4.05 21.51 18.02
C TYR A 315 -4.06 23.02 18.27
N ALA A 316 -2.96 23.62 18.76
CA ALA A 316 -2.89 25.05 19.11
C ALA A 316 -3.07 25.90 17.85
N MET A 317 -2.76 25.37 16.67
CA MET A 317 -2.95 26.16 15.43
C MET A 317 -4.34 25.94 14.84
N GLY A 318 -5.17 25.08 15.44
CA GLY A 318 -6.58 25.02 15.04
C GLY A 318 -6.96 23.78 14.29
N PHE A 319 -6.13 22.71 14.29
CA PHE A 319 -6.49 21.39 13.71
C PHE A 319 -7.08 20.45 14.78
N ASP A 320 -8.17 19.72 14.46
CA ASP A 320 -8.67 18.65 15.34
C ASP A 320 -7.55 17.64 15.52
N PRO A 321 -7.39 17.12 16.76
CA PRO A 321 -6.38 16.13 17.07
C PRO A 321 -6.41 14.93 16.14
N ASP A 322 -7.60 14.46 15.75
CA ASP A 322 -7.65 13.21 14.95
C ASP A 322 -7.26 13.49 13.48
N LEU A 323 -7.05 14.74 13.06
CA LEU A 323 -6.44 15.00 11.72
C LEU A 323 -4.90 14.89 11.77
N PHE A 324 -4.31 14.79 12.94
CA PHE A 324 -2.82 14.87 13.09
C PHE A 324 -2.11 13.84 12.20
N PRO A 325 -2.54 12.57 12.09
CA PRO A 325 -1.87 11.60 11.21
C PRO A 325 -1.92 12.06 9.74
N THR A 326 -3.00 12.74 9.29
CA THR A 326 -3.07 13.23 7.87
C THR A 326 -2.01 14.33 7.66
N ILE A 327 -1.84 15.17 8.68
CA ILE A 327 -0.91 16.32 8.63
C ILE A 327 0.53 15.76 8.58
N PHE A 328 0.79 14.76 9.41
CA PHE A 328 2.07 14.00 9.38
C PHE A 328 2.28 13.53 7.95
N ALA A 329 1.29 12.87 7.34
CA ALA A 329 1.45 12.36 5.96
C ALA A 329 1.66 13.53 5.01
N SER A 330 1.05 14.69 5.22
CA SER A 330 1.19 15.84 4.29
C SER A 330 2.70 16.23 4.19
N ALA A 331 3.50 16.07 5.24
CA ALA A 331 4.95 16.37 5.19
C ALA A 331 5.73 15.11 4.74
N ARG A 332 5.37 13.95 5.27
CA ARG A 332 6.14 12.70 5.10
C ARG A 332 6.07 12.21 3.64
N VAL A 333 5.05 12.61 2.87
CA VAL A 333 4.98 12.25 1.42
C VAL A 333 6.24 12.72 0.68
N ILE A 334 6.86 13.80 1.12
CA ILE A 334 8.14 14.31 0.52
C ILE A 334 9.21 13.24 0.73
N GLY A 335 9.40 12.79 1.97
CA GLY A 335 10.38 11.73 2.26
C GLY A 335 10.10 10.46 1.48
N TRP A 336 8.86 9.99 1.53
CA TRP A 336 8.45 8.72 0.87
C TRP A 336 8.84 8.76 -0.60
N THR A 337 8.45 9.84 -1.26
CA THR A 337 8.63 9.95 -2.74
C THR A 337 10.12 10.12 -3.06
N ALA A 338 10.88 10.83 -2.23
CA ALA A 338 12.32 11.01 -2.35
C ALA A 338 13.03 9.64 -2.23
N HIS A 339 12.60 8.82 -1.27
CA HIS A 339 13.13 7.46 -1.00
C HIS A 339 12.84 6.57 -2.20
N VAL A 340 11.65 6.67 -2.77
CA VAL A 340 11.22 5.84 -3.92
C VAL A 340 12.08 6.24 -5.12
N ASP A 341 12.21 7.53 -5.34
CA ASP A 341 12.99 8.09 -6.48
C ASP A 341 14.44 7.59 -6.38
N GLU A 342 15.04 7.65 -5.20
CA GLU A 342 16.41 7.18 -4.92
C GLU A 342 16.53 5.68 -5.25
N TYR A 343 15.61 4.86 -4.71
CA TYR A 343 15.57 3.39 -4.85
C TYR A 343 15.54 2.99 -6.33
N LEU A 344 14.71 3.66 -7.10
CA LEU A 344 14.41 3.33 -8.51
C LEU A 344 15.59 3.67 -9.43
N LYS A 345 16.57 4.43 -8.98
CA LYS A 345 17.82 4.64 -9.77
C LYS A 345 18.55 3.30 -9.95
N ASP A 346 18.35 2.34 -9.04
CA ASP A 346 18.90 0.97 -9.19
C ASP A 346 17.89 0.02 -8.55
N ASN A 347 16.80 -0.19 -9.26
CA ASN A 347 15.61 -0.89 -8.71
C ASN A 347 15.99 -2.34 -8.46
N LYS A 348 15.50 -2.88 -7.36
CA LYS A 348 15.49 -4.33 -7.12
C LYS A 348 14.12 -4.72 -6.56
N LEU A 349 13.42 -5.61 -7.25
CA LEU A 349 12.14 -6.21 -6.79
C LEU A 349 12.28 -6.71 -5.35
N ILE A 350 11.35 -6.37 -4.45
CA ILE A 350 11.45 -6.80 -3.04
C ILE A 350 10.61 -8.09 -2.94
N ARG A 351 11.26 -9.26 -2.77
CA ARG A 351 10.58 -10.59 -2.81
C ARG A 351 11.17 -11.49 -1.72
N PRO A 352 10.77 -11.29 -0.46
CA PRO A 352 11.28 -12.14 0.62
C PRO A 352 10.70 -13.55 0.53
N LYS A 353 11.10 -14.39 1.49
CA LYS A 353 10.70 -15.81 1.62
C LYS A 353 9.87 -15.97 2.88
N ALA A 354 9.37 -17.18 3.08
CA ALA A 354 8.78 -17.64 4.34
C ALA A 354 9.39 -19.01 4.65
N ILE A 355 9.34 -19.40 5.91
CA ILE A 355 9.74 -20.75 6.36
C ILE A 355 8.46 -21.56 6.38
N TYR A 356 8.36 -22.65 5.60
CA TYR A 356 7.14 -23.50 5.65
C TYR A 356 7.20 -24.42 6.87
N VAL A 357 6.23 -24.34 7.77
CA VAL A 357 6.15 -25.20 8.99
C VAL A 357 4.82 -25.97 8.98
N GLY A 358 4.18 -26.12 7.83
CA GLY A 358 2.86 -26.78 7.77
C GLY A 358 2.92 -28.23 7.30
N ASP A 359 1.74 -28.77 6.98
CA ASP A 359 1.51 -30.16 6.53
C ASP A 359 2.00 -30.29 5.07
N LEU A 360 2.55 -31.45 4.66
CA LEU A 360 2.72 -31.78 3.23
C LEU A 360 2.06 -33.12 2.84
N GLY A 361 1.69 -33.26 1.57
CA GLY A 361 1.29 -34.52 0.93
C GLY A 361 -0.02 -35.07 1.48
N LYS A 362 -0.95 -34.22 1.90
CA LYS A 362 -2.26 -34.70 2.43
C LYS A 362 -3.12 -35.27 1.30
N ARG A 363 -3.82 -36.37 1.57
CA ARG A 363 -4.88 -36.93 0.67
C ARG A 363 -6.09 -35.99 0.68
N TYR A 364 -6.61 -35.63 -0.49
CA TYR A 364 -7.89 -34.91 -0.61
C TYR A 364 -9.02 -35.85 -0.10
N VAL A 365 -9.65 -35.49 1.00
CA VAL A 365 -10.75 -36.26 1.65
C VAL A 365 -12.03 -35.72 1.05
N PRO A 366 -12.81 -36.58 0.35
CA PRO A 366 -14.07 -36.13 -0.23
C PRO A 366 -15.00 -35.63 0.89
N ILE A 367 -15.85 -34.66 0.57
CA ILE A 367 -16.68 -33.92 1.57
C ILE A 367 -17.60 -34.89 2.35
N GLU A 368 -18.17 -35.93 1.74
CA GLU A 368 -19.08 -36.88 2.46
C GLU A 368 -18.29 -37.68 3.53
N GLU A 369 -16.96 -37.72 3.47
CA GLU A 369 -16.12 -38.39 4.51
C GLU A 369 -15.68 -37.45 5.65
N ARG A 370 -15.94 -36.15 5.61
CA ARG A 370 -15.32 -35.19 6.58
C ARG A 370 -16.12 -35.16 7.90
N LEU A 371 -15.44 -35.13 9.05
CA LEU A 371 -16.06 -35.29 10.42
C LEU A 371 -17.42 -35.99 10.31
N MET B 1 27.68 -2.66 8.14
N MET B 1 27.62 -2.72 8.22
CA MET B 1 26.78 -3.85 8.15
CA MET B 1 26.54 -3.73 8.17
C MET B 1 26.37 -4.13 6.69
C MET B 1 26.31 -4.11 6.68
N GLU B 2 25.81 -5.32 6.42
CA GLU B 2 25.50 -5.82 5.06
C GLU B 2 24.21 -5.17 4.52
N LEU B 3 24.23 -4.75 3.26
CA LEU B 3 22.99 -4.38 2.55
C LEU B 3 22.27 -5.66 2.05
N ARG B 4 21.04 -5.91 2.51
CA ARG B 4 20.19 -7.08 2.08
C ARG B 4 19.10 -6.66 1.09
N LYS B 5 19.41 -5.82 0.13
CA LYS B 5 18.45 -5.22 -0.84
C LYS B 5 17.77 -6.34 -1.63
N GLY B 6 16.45 -6.29 -1.76
CA GLY B 6 15.61 -7.32 -2.40
C GLY B 6 15.09 -8.36 -1.43
N LEU B 7 15.77 -8.57 -0.30
CA LEU B 7 15.40 -9.56 0.74
C LEU B 7 15.31 -11.00 0.19
N GLU B 8 15.93 -11.36 -0.94
CA GLU B 8 15.70 -12.67 -1.60
C GLU B 8 16.08 -13.81 -0.66
N ASP B 9 17.13 -13.66 0.13
CA ASP B 9 17.60 -14.81 0.94
C ASP B 9 17.14 -14.62 2.39
N ILE B 10 16.06 -13.85 2.64
CA ILE B 10 15.54 -13.60 4.01
C ILE B 10 14.08 -14.04 4.13
N ALA B 11 13.75 -14.79 5.18
CA ALA B 11 12.35 -15.15 5.47
C ALA B 11 11.80 -14.12 6.45
N ILE B 12 10.57 -13.66 6.25
CA ILE B 12 9.98 -12.62 7.15
C ILE B 12 8.86 -13.23 8.00
N LYS B 13 8.53 -14.50 7.78
CA LYS B 13 7.53 -15.20 8.63
C LYS B 13 7.66 -16.72 8.47
N GLU B 14 7.05 -17.42 9.38
CA GLU B 14 6.76 -18.86 9.26
C GLU B 14 5.34 -18.95 8.70
N THR B 15 5.09 -19.91 7.82
CA THR B 15 3.73 -20.05 7.25
C THR B 15 3.39 -21.54 7.19
N SER B 16 2.11 -21.85 7.32
CA SER B 16 1.56 -23.19 6.98
C SER B 16 0.56 -23.07 5.84
N ILE B 17 0.59 -21.99 5.07
CA ILE B 17 -0.51 -21.71 4.10
C ILE B 17 -0.12 -22.40 2.81
N THR B 18 1.01 -22.04 2.23
CA THR B 18 1.37 -22.46 0.88
C THR B 18 2.78 -22.99 0.89
N TYR B 19 3.01 -24.05 0.13
CA TYR B 19 4.35 -24.62 -0.04
C TYR B 19 4.61 -24.73 -1.53
N ILE B 20 5.70 -24.08 -1.96
CA ILE B 20 6.17 -24.18 -3.35
C ILE B 20 7.38 -25.11 -3.40
N ASP B 21 7.32 -26.13 -4.24
CA ASP B 21 8.46 -27.02 -4.55
C ASP B 21 8.94 -26.63 -5.94
N GLY B 22 9.91 -25.72 -6.02
CA GLY B 22 10.44 -25.23 -7.30
C GLY B 22 11.16 -26.31 -8.07
N GLU B 23 11.78 -27.24 -7.34
CA GLU B 23 12.57 -28.35 -7.93
C GLU B 23 11.61 -29.18 -8.81
N LEU B 24 10.55 -29.73 -8.21
CA LEU B 24 9.65 -30.72 -8.86
C LEU B 24 8.45 -30.04 -9.52
N GLY B 25 8.23 -28.76 -9.28
CA GLY B 25 7.09 -28.05 -9.88
C GLY B 25 5.81 -28.46 -9.20
N ARG B 26 5.79 -28.38 -7.88
CA ARG B 26 4.62 -28.79 -7.08
C ARG B 26 4.23 -27.60 -6.24
N LEU B 27 2.94 -27.50 -5.93
CA LEU B 27 2.35 -26.39 -5.16
C LEU B 27 1.33 -27.01 -4.24
N TYR B 28 1.31 -26.60 -2.97
CA TYR B 28 0.36 -27.12 -1.97
C TYR B 28 -0.31 -25.94 -1.25
N TYR B 29 -1.62 -26.04 -1.06
CA TYR B 29 -2.42 -25.18 -0.16
C TYR B 29 -2.76 -26.02 1.07
N ARG B 30 -2.19 -25.62 2.22
CA ARG B 30 -2.36 -26.28 3.53
C ARG B 30 -2.10 -27.79 3.43
N GLY B 31 -1.15 -28.16 2.60
CA GLY B 31 -0.69 -29.55 2.45
C GLY B 31 -1.39 -30.31 1.33
N TYR B 32 -2.44 -29.74 0.71
CA TYR B 32 -3.20 -30.41 -0.39
C TYR B 32 -2.60 -29.97 -1.73
N SER B 33 -2.38 -30.93 -2.61
CA SER B 33 -1.75 -30.72 -3.92
C SER B 33 -2.68 -29.83 -4.75
N ILE B 34 -2.13 -28.84 -5.46
CA ILE B 34 -2.93 -27.95 -6.35
C ILE B 34 -3.63 -28.80 -7.43
N PHE B 35 -2.99 -29.90 -7.85
CA PHE B 35 -3.53 -30.85 -8.85
C PHE B 35 -4.87 -31.45 -8.38
N ASP B 36 -4.93 -31.87 -7.11
CA ASP B 36 -6.14 -32.49 -6.53
C ASP B 36 -7.20 -31.41 -6.32
N LEU B 37 -6.80 -30.20 -5.94
CA LEU B 37 -7.78 -29.10 -5.76
C LEU B 37 -8.37 -28.74 -7.12
N ALA B 38 -7.56 -28.68 -8.16
CA ALA B 38 -8.04 -28.36 -9.51
C ALA B 38 -9.00 -29.46 -9.91
N SER B 39 -8.63 -30.72 -9.61
CA SER B 39 -9.42 -31.90 -10.04
C SER B 39 -10.78 -31.95 -9.32
N PHE B 40 -10.83 -31.73 -8.01
CA PHE B 40 -11.97 -32.16 -7.16
C PHE B 40 -12.60 -31.01 -6.38
N SER B 41 -11.91 -29.87 -6.24
CA SER B 41 -12.38 -28.80 -5.34
C SER B 41 -13.10 -27.75 -6.18
N ASN B 42 -13.36 -26.60 -5.57
CA ASN B 42 -14.05 -25.46 -6.20
C ASN B 42 -13.65 -24.21 -5.43
N PHE B 43 -14.00 -23.06 -5.95
CA PHE B 43 -13.49 -21.78 -5.43
C PHE B 43 -13.80 -21.70 -3.93
N GLU B 44 -15.04 -21.95 -3.57
CA GLU B 44 -15.52 -21.69 -2.20
C GLU B 44 -14.85 -22.67 -1.26
N GLU B 45 -14.69 -23.94 -1.67
CA GLU B 45 -14.04 -24.92 -0.79
C GLU B 45 -12.59 -24.50 -0.51
N VAL B 46 -11.84 -24.01 -1.51
CA VAL B 46 -10.40 -23.68 -1.30
C VAL B 46 -10.30 -22.39 -0.47
N ALA B 47 -11.17 -21.42 -0.74
CA ALA B 47 -11.25 -20.18 0.05
C ALA B 47 -11.46 -20.57 1.52
N TYR B 48 -12.34 -21.53 1.77
CA TYR B 48 -12.65 -22.00 3.14
C TYR B 48 -11.38 -22.60 3.75
N LEU B 49 -10.70 -23.43 2.96
CA LEU B 49 -9.48 -24.12 3.44
C LEU B 49 -8.37 -23.08 3.78
N LEU B 50 -8.19 -22.09 2.91
CA LEU B 50 -7.13 -21.07 3.10
C LEU B 50 -7.44 -20.23 4.32
N TRP B 51 -8.68 -19.79 4.52
CA TRP B 51 -9.04 -18.94 5.68
C TRP B 51 -9.13 -19.77 6.97
N TYR B 52 -9.79 -20.93 6.96
CA TYR B 52 -10.14 -21.60 8.27
C TYR B 52 -9.20 -22.75 8.57
N GLY B 53 -8.31 -23.10 7.64
CA GLY B 53 -7.27 -24.11 7.86
C GLY B 53 -7.73 -25.56 7.71
N LYS B 54 -8.93 -25.84 7.23
CA LYS B 54 -9.35 -27.26 7.03
C LYS B 54 -10.40 -27.32 5.93
N LEU B 55 -10.56 -28.49 5.32
CA LEU B 55 -11.67 -28.76 4.39
C LEU B 55 -12.97 -28.69 5.16
N PRO B 56 -13.99 -27.99 4.63
CA PRO B 56 -15.27 -27.87 5.31
C PRO B 56 -16.12 -29.15 5.15
N THR B 57 -16.94 -29.42 6.16
CA THR B 57 -18.05 -30.41 6.06
C THR B 57 -19.06 -29.88 5.03
N ARG B 58 -19.95 -30.76 4.58
CA ARG B 58 -21.11 -30.40 3.74
C ARG B 58 -21.79 -29.16 4.35
N HIS B 59 -22.14 -29.21 5.64
N HIS B 59 -22.14 -29.20 5.64
CA HIS B 59 -22.89 -28.12 6.34
CA HIS B 59 -22.90 -28.12 6.32
C HIS B 59 -22.05 -26.83 6.29
C HIS B 59 -22.06 -26.83 6.32
N GLU B 60 -20.77 -26.91 6.66
CA GLU B 60 -19.89 -25.71 6.74
C GLU B 60 -19.79 -25.10 5.34
N LEU B 61 -19.69 -25.91 4.29
CA LEU B 61 -19.48 -25.36 2.92
C LEU B 61 -20.77 -24.73 2.42
N ASP B 62 -21.93 -25.33 2.72
CA ASP B 62 -23.23 -24.76 2.29
C ASP B 62 -23.40 -23.38 2.93
N ASP B 63 -23.17 -23.26 4.24
CA ASP B 63 -23.26 -21.99 5.00
C ASP B 63 -22.25 -20.98 4.43
N PHE B 64 -21.01 -21.40 4.22
CA PHE B 64 -19.93 -20.54 3.67
C PHE B 64 -20.35 -20.01 2.31
N LYS B 65 -20.81 -20.88 1.40
CA LYS B 65 -21.17 -20.48 0.02
C LYS B 65 -22.29 -19.44 0.09
N SER B 66 -23.23 -19.57 1.04
CA SER B 66 -24.35 -18.62 1.23
C SER B 66 -23.82 -17.28 1.69
N ARG B 67 -22.91 -17.28 2.66
CA ARG B 67 -22.27 -16.06 3.20
C ARG B 67 -21.64 -15.26 2.04
N LEU B 68 -20.82 -15.92 1.23
CA LEU B 68 -20.15 -15.26 0.10
C LEU B 68 -21.24 -14.64 -0.80
N ALA B 69 -22.31 -15.38 -1.11
CA ALA B 69 -23.29 -14.99 -2.16
C ALA B 69 -24.08 -13.77 -1.70
N GLU B 70 -24.37 -13.63 -0.39
N GLU B 70 -24.37 -13.69 -0.38
CA GLU B 70 -25.15 -12.50 0.14
CA GLU B 70 -25.08 -12.59 0.32
C GLU B 70 -24.25 -11.28 0.41
C GLU B 70 -24.28 -11.27 0.25
N GLU B 71 -22.94 -11.35 0.15
CA GLU B 71 -22.01 -10.19 0.29
C GLU B 71 -21.63 -9.60 -1.08
N ARG B 72 -22.19 -10.09 -2.18
CA ARG B 72 -21.76 -9.74 -3.57
C ARG B 72 -22.18 -8.34 -4.04
N SER B 73 -23.26 -7.82 -3.50
CA SER B 73 -23.77 -6.47 -3.84
C SER B 73 -22.79 -5.39 -3.40
N ILE B 74 -22.72 -4.27 -4.12
CA ILE B 74 -21.82 -3.13 -3.79
C ILE B 74 -22.72 -1.91 -3.56
N SER B 75 -22.30 -0.99 -2.71
CA SER B 75 -23.03 0.26 -2.38
C SER B 75 -23.20 1.09 -3.66
N GLU B 76 -24.27 1.88 -3.74
CA GLU B 76 -24.58 2.72 -4.93
C GLU B 76 -23.44 3.75 -5.15
N ASP B 77 -22.79 4.22 -4.09
CA ASP B 77 -21.69 5.21 -4.25
C ASP B 77 -20.48 4.54 -4.93
N ILE B 78 -20.22 3.26 -4.65
CA ILE B 78 -19.10 2.52 -5.31
C ILE B 78 -19.49 2.26 -6.78
N SER B 79 -20.71 1.83 -7.00
CA SER B 79 -21.25 1.47 -8.33
C SER B 79 -21.19 2.71 -9.22
N THR B 80 -21.64 3.88 -8.73
CA THR B 80 -21.61 5.17 -9.47
C THR B 80 -20.17 5.54 -9.80
N PHE B 81 -19.29 5.46 -8.81
CA PHE B 81 -17.85 5.73 -9.03
C PHE B 81 -17.31 4.84 -10.17
N VAL B 82 -17.56 3.55 -10.14
CA VAL B 82 -17.05 2.62 -11.21
C VAL B 82 -17.62 3.08 -12.56
N LYS B 83 -18.94 3.33 -12.64
CA LYS B 83 -19.60 3.70 -13.92
C LYS B 83 -18.93 4.96 -14.47
N ARG B 84 -18.61 5.88 -13.58
CA ARG B 84 -18.01 7.18 -13.94
C ARG B 84 -16.59 6.98 -14.50
N THR B 85 -15.80 5.99 -14.04
CA THR B 85 -14.34 5.93 -14.31
C THR B 85 -13.99 4.78 -15.25
N ALA B 86 -14.90 3.84 -15.50
CA ALA B 86 -14.68 2.56 -16.19
C ALA B 86 -14.05 2.78 -17.57
N LYS B 87 -14.45 3.82 -18.28
CA LYS B 87 -14.05 3.96 -19.70
C LYS B 87 -12.61 4.51 -19.78
N PHE B 88 -12.15 5.32 -18.83
CA PHE B 88 -10.82 5.98 -18.92
C PHE B 88 -9.87 5.51 -17.83
N GLY B 89 -10.36 5.01 -16.69
CA GLY B 89 -9.48 4.63 -15.57
C GLY B 89 -8.73 3.34 -15.81
N ASN B 90 -7.45 3.29 -15.42
CA ASN B 90 -6.72 2.01 -15.23
C ASN B 90 -7.56 1.14 -14.30
N PRO B 91 -7.97 -0.09 -14.68
CA PRO B 91 -8.86 -0.89 -13.83
C PRO B 91 -8.26 -1.26 -12.46
N MET B 92 -6.93 -1.41 -12.37
CA MET B 92 -6.27 -1.66 -11.05
C MET B 92 -6.41 -0.39 -10.18
N ASP B 93 -6.27 0.82 -10.76
CA ASP B 93 -6.56 2.11 -10.04
C ASP B 93 -8.02 2.15 -9.59
N ILE B 94 -8.92 1.72 -10.43
CA ILE B 94 -10.36 1.66 -10.04
C ILE B 94 -10.51 0.69 -8.87
N LEU B 95 -9.88 -0.48 -8.96
CA LEU B 95 -10.11 -1.52 -7.94
C LEU B 95 -9.48 -1.06 -6.60
N ARG B 96 -8.26 -0.52 -6.66
CA ARG B 96 -7.50 0.09 -5.53
C ARG B 96 -8.44 1.10 -4.86
N THR B 97 -9.02 2.03 -5.63
CA THR B 97 -9.90 3.08 -5.07
C THR B 97 -11.14 2.44 -4.43
N THR B 98 -11.79 1.47 -5.08
CA THR B 98 -13.08 0.97 -4.55
C THR B 98 -12.84 0.15 -3.28
N VAL B 99 -11.76 -0.61 -3.20
CA VAL B 99 -11.43 -1.36 -1.95
C VAL B 99 -11.14 -0.33 -0.83
N SER B 100 -10.46 0.77 -1.13
CA SER B 100 -10.24 1.89 -0.18
C SER B 100 -11.58 2.44 0.29
N MET B 101 -12.55 2.61 -0.61
CA MET B 101 -13.91 3.13 -0.25
C MET B 101 -14.66 2.12 0.62
N MET B 102 -14.52 0.82 0.36
CA MET B 102 -15.16 -0.30 1.13
C MET B 102 -14.69 -0.19 2.57
N GLY B 103 -13.40 0.04 2.77
CA GLY B 103 -12.79 0.10 4.12
C GLY B 103 -13.26 1.33 4.84
N LEU B 104 -13.31 2.46 4.13
CA LEU B 104 -13.80 3.75 4.69
C LEU B 104 -15.20 3.54 5.27
N GLU B 105 -16.04 2.80 4.55
CA GLU B 105 -17.49 2.66 4.85
C GLU B 105 -17.73 1.55 5.88
N ASP B 106 -16.77 0.66 6.12
CA ASP B 106 -16.85 -0.42 7.12
C ASP B 106 -16.00 -0.05 8.34
N ARG B 107 -16.62 0.62 9.29
CA ARG B 107 -15.99 1.14 10.53
C ARG B 107 -15.89 0.03 11.58
N SER B 108 -16.75 -1.00 11.51
CA SER B 108 -16.85 -2.16 12.47
C SER B 108 -15.46 -2.71 12.79
N GLU B 109 -15.27 -3.18 14.03
CA GLU B 109 -13.94 -3.58 14.57
C GLU B 109 -13.73 -5.08 14.39
N GLY B 110 -12.47 -5.52 14.30
CA GLY B 110 -12.05 -6.94 14.27
C GLY B 110 -12.68 -7.68 13.08
N ASP B 111 -13.05 -8.95 13.26
CA ASP B 111 -13.64 -9.81 12.22
C ASP B 111 -12.84 -9.71 10.91
N LEU B 112 -11.56 -10.04 10.95
CA LEU B 112 -10.67 -10.00 9.78
C LEU B 112 -11.29 -10.87 8.68
N ILE B 113 -11.76 -12.07 9.03
CA ILE B 113 -12.17 -13.05 7.99
C ILE B 113 -13.50 -12.58 7.37
N GLY B 114 -14.40 -12.02 8.18
CA GLY B 114 -15.67 -11.42 7.70
C GLY B 114 -15.42 -10.35 6.66
N LYS B 115 -14.42 -9.49 6.92
CA LYS B 115 -14.05 -8.39 6.01
C LYS B 115 -13.43 -8.96 4.75
N ALA B 116 -12.59 -10.00 4.87
CA ALA B 116 -11.95 -10.65 3.72
C ALA B 116 -13.04 -11.26 2.81
N ILE B 117 -14.02 -11.91 3.41
CA ILE B 117 -15.19 -12.51 2.71
C ILE B 117 -15.93 -11.41 1.93
N LYS B 118 -16.12 -10.23 2.53
CA LYS B 118 -16.78 -9.07 1.88
C LYS B 118 -15.96 -8.64 0.66
N MET B 119 -14.65 -8.45 0.79
CA MET B 119 -13.82 -8.01 -0.37
C MET B 119 -13.90 -9.09 -1.47
N THR B 120 -13.70 -10.36 -1.13
CA THR B 120 -13.71 -11.51 -2.07
C THR B 120 -15.03 -11.54 -2.87
N ALA B 121 -16.15 -11.37 -2.19
CA ALA B 121 -17.53 -11.40 -2.75
C ALA B 121 -17.75 -10.23 -3.73
N LYS B 122 -17.27 -9.03 -3.38
CA LYS B 122 -17.60 -7.76 -4.07
C LYS B 122 -16.65 -7.47 -5.24
N ILE B 123 -15.41 -7.96 -5.22
CA ILE B 123 -14.44 -7.60 -6.31
C ILE B 123 -14.94 -8.07 -7.70
N PRO B 124 -15.47 -9.31 -7.87
CA PRO B 124 -16.00 -9.69 -9.19
C PRO B 124 -17.15 -8.77 -9.66
N THR B 125 -17.97 -8.28 -8.73
CA THR B 125 -19.08 -7.37 -9.05
C THR B 125 -18.48 -6.10 -9.65
N ILE B 126 -17.45 -5.56 -8.97
CA ILE B 126 -16.73 -4.35 -9.46
C ILE B 126 -16.12 -4.61 -10.83
N ILE B 127 -15.39 -5.70 -10.99
CA ILE B 127 -14.72 -6.00 -12.30
C ILE B 127 -15.78 -6.11 -13.40
N SER B 128 -16.88 -6.81 -13.12
CA SER B 128 -17.99 -7.03 -14.08
C SER B 128 -18.60 -5.67 -14.48
N LEU B 129 -18.82 -4.80 -13.50
CA LEU B 129 -19.35 -3.44 -13.81
C LEU B 129 -18.35 -2.65 -14.67
N ILE B 130 -17.05 -2.78 -14.48
CA ILE B 130 -16.06 -2.09 -15.35
C ILE B 130 -16.25 -2.61 -16.78
N GLN B 131 -16.27 -3.91 -16.95
CA GLN B 131 -16.35 -4.60 -18.28
C GLN B 131 -17.64 -4.20 -18.98
N ARG B 132 -18.78 -4.33 -18.28
CA ARG B 132 -20.10 -4.00 -18.86
C ARG B 132 -20.08 -2.53 -19.28
N THR B 133 -19.65 -1.62 -18.40
CA THR B 133 -19.66 -0.17 -18.67
C THR B 133 -18.82 0.10 -19.92
N ARG B 134 -17.64 -0.53 -20.03
CA ARG B 134 -16.71 -0.33 -21.17
C ARG B 134 -17.44 -0.67 -22.48
N ARG B 135 -18.34 -1.66 -22.47
CA ARG B 135 -19.04 -2.16 -23.69
C ARG B 135 -20.41 -1.49 -23.87
N ASN B 136 -20.70 -0.43 -23.11
CA ASN B 136 -22.02 0.26 -23.18
C ASN B 136 -23.11 -0.78 -22.89
N GLN B 137 -22.85 -1.69 -21.94
CA GLN B 137 -23.85 -2.66 -21.47
C GLN B 137 -24.31 -2.25 -20.08
N GLU B 138 -25.51 -2.63 -19.71
CA GLU B 138 -26.08 -2.33 -18.38
C GLU B 138 -25.52 -3.33 -17.37
N PHE B 139 -25.34 -2.86 -16.17
CA PHE B 139 -24.89 -3.68 -15.04
C PHE B 139 -25.79 -4.92 -14.94
N VAL B 140 -25.22 -6.12 -14.84
CA VAL B 140 -25.95 -7.36 -14.47
C VAL B 140 -25.73 -7.61 -12.98
N GLU B 141 -26.80 -7.59 -12.19
CA GLU B 141 -26.72 -7.75 -10.72
C GLU B 141 -26.28 -9.17 -10.39
N PRO B 142 -25.50 -9.35 -9.30
CA PRO B 142 -25.17 -10.68 -8.82
C PRO B 142 -26.41 -11.52 -8.54
N ASP B 143 -26.32 -12.82 -8.83
CA ASP B 143 -27.42 -13.80 -8.62
C ASP B 143 -27.01 -14.70 -7.45
N PRO B 144 -27.67 -14.54 -6.29
CA PRO B 144 -27.30 -15.27 -5.08
C PRO B 144 -27.54 -16.77 -5.14
N SER B 145 -28.28 -17.28 -6.15
CA SER B 145 -28.54 -18.73 -6.39
C SER B 145 -27.38 -19.37 -7.15
N LEU B 146 -26.50 -18.58 -7.75
CA LEU B 146 -25.31 -19.07 -8.50
C LEU B 146 -24.08 -19.09 -7.57
N SER B 147 -23.22 -20.07 -7.78
CA SER B 147 -21.92 -20.21 -7.08
C SER B 147 -20.98 -19.08 -7.57
N HIS B 148 -19.86 -18.91 -6.90
CA HIS B 148 -18.95 -17.75 -7.17
C HIS B 148 -18.57 -17.64 -8.65
N SER B 149 -17.98 -18.66 -9.24
CA SER B 149 -17.45 -18.60 -10.63
C SER B 149 -18.57 -18.50 -11.66
N GLU B 150 -19.63 -19.28 -11.43
CA GLU B 150 -20.86 -19.25 -12.26
C GLU B 150 -21.38 -17.82 -12.31
N ASN B 151 -21.54 -17.21 -11.13
CA ASN B 151 -22.04 -15.82 -11.02
C ASN B 151 -21.09 -14.84 -11.74
N PHE B 152 -19.78 -15.01 -11.57
CA PHE B 152 -18.77 -14.13 -12.20
C PHE B 152 -19.06 -14.08 -13.72
N LEU B 153 -19.13 -15.24 -14.40
CA LEU B 153 -19.38 -15.34 -15.85
C LEU B 153 -20.75 -14.77 -16.23
N TYR B 154 -21.78 -15.00 -15.40
CA TYR B 154 -23.14 -14.41 -15.57
C TYR B 154 -23.06 -12.87 -15.55
N MET B 155 -22.31 -12.28 -14.62
CA MET B 155 -22.26 -10.80 -14.51
C MET B 155 -21.57 -10.19 -15.73
N ILE B 156 -20.63 -10.90 -16.34
CA ILE B 156 -19.85 -10.44 -17.54
C ILE B 156 -20.71 -10.57 -18.80
N ARG B 157 -21.37 -11.71 -18.99
CA ARG B 157 -22.03 -12.05 -20.29
C ARG B 157 -23.52 -11.71 -20.30
N GLY B 158 -24.17 -11.62 -19.12
CA GLY B 158 -25.62 -11.39 -19.02
C GLY B 158 -26.43 -12.65 -19.29
N GLU B 159 -25.78 -13.81 -19.34
CA GLU B 159 -26.43 -15.13 -19.51
C GLU B 159 -25.69 -16.17 -18.66
N ARG B 160 -26.43 -17.16 -18.18
CA ARG B 160 -25.88 -18.19 -17.28
C ARG B 160 -24.89 -18.98 -18.11
N PRO B 161 -23.67 -19.25 -17.62
CA PRO B 161 -22.65 -19.91 -18.44
C PRO B 161 -22.87 -21.43 -18.49
N SER B 162 -22.25 -22.11 -19.45
CA SER B 162 -22.17 -23.59 -19.51
C SER B 162 -21.37 -24.10 -18.32
N PRO B 163 -21.72 -25.27 -17.73
CA PRO B 163 -20.94 -25.84 -16.65
C PRO B 163 -19.45 -26.01 -17.01
N SER B 164 -19.12 -26.21 -18.29
CA SER B 164 -17.70 -26.37 -18.70
C SER B 164 -16.96 -25.02 -18.57
N ASP B 165 -17.57 -23.91 -19.00
CA ASP B 165 -17.04 -22.54 -18.82
C ASP B 165 -16.87 -22.25 -17.31
N THR B 166 -17.85 -22.58 -16.47
CA THR B 166 -17.81 -22.33 -15.02
C THR B 166 -16.58 -23.04 -14.45
N ARG B 167 -16.40 -24.29 -14.86
CA ARG B 167 -15.30 -25.13 -14.36
C ARG B 167 -13.93 -24.55 -14.72
N VAL B 168 -13.74 -24.06 -15.95
CA VAL B 168 -12.44 -23.49 -16.38
C VAL B 168 -12.17 -22.21 -15.56
N LEU B 169 -13.16 -21.34 -15.36
CA LEU B 169 -12.94 -20.13 -14.55
C LEU B 169 -12.64 -20.52 -13.10
N ASP B 170 -13.45 -21.41 -12.55
CA ASP B 170 -13.33 -21.91 -11.16
C ASP B 170 -11.92 -22.43 -10.91
N VAL B 171 -11.39 -23.19 -11.85
CA VAL B 171 -10.02 -23.73 -11.77
C VAL B 171 -9.02 -22.57 -11.88
N SER B 172 -9.15 -21.69 -12.86
CA SER B 172 -8.22 -20.55 -13.06
C SER B 172 -8.09 -19.69 -11.78
N LEU B 173 -9.21 -19.46 -11.08
CA LEU B 173 -9.24 -18.66 -9.84
C LEU B 173 -8.53 -19.43 -8.73
N MET B 174 -8.81 -20.72 -8.58
CA MET B 174 -8.18 -21.54 -7.53
C MET B 174 -6.67 -21.45 -7.70
N LEU B 175 -6.18 -21.47 -8.95
CA LEU B 175 -4.73 -21.48 -9.26
C LEU B 175 -4.05 -20.18 -8.82
N HIS B 176 -4.80 -19.06 -8.67
CA HIS B 176 -4.21 -17.72 -8.37
C HIS B 176 -4.43 -17.34 -6.90
N MET B 177 -5.05 -18.20 -6.09
CA MET B 177 -5.45 -17.80 -4.72
C MET B 177 -4.23 -17.46 -3.84
N ASP B 178 -3.16 -18.25 -3.91
CA ASP B 178 -1.96 -17.95 -3.08
C ASP B 178 -0.71 -18.46 -3.78
N HIS B 179 0.38 -17.76 -3.54
CA HIS B 179 1.71 -18.26 -3.96
C HIS B 179 2.78 -17.83 -2.95
N GLU B 180 2.49 -17.97 -1.66
CA GLU B 180 3.47 -17.83 -0.55
C GLU B 180 3.93 -16.35 -0.60
N MET B 181 5.23 -16.13 -0.54
CA MET B 181 5.80 -14.77 -0.35
C MET B 181 6.22 -14.16 -1.70
N ASN B 182 5.91 -12.89 -1.88
CA ASN B 182 6.23 -12.10 -3.09
C ASN B 182 5.94 -10.63 -2.77
N ALA B 183 6.18 -9.71 -3.70
CA ALA B 183 6.07 -8.26 -3.40
C ALA B 183 4.67 -7.95 -2.87
N SER B 184 3.59 -8.56 -3.43
CA SER B 184 2.24 -8.12 -3.06
C SER B 184 1.89 -8.65 -1.67
N THR B 185 2.30 -9.86 -1.33
CA THR B 185 2.04 -10.39 0.04
C THR B 185 2.84 -9.56 1.05
N MET B 186 4.05 -9.21 0.69
CA MET B 186 4.95 -8.43 1.57
C MET B 186 4.30 -7.06 1.83
N ALA B 187 3.77 -6.37 0.80
CA ALA B 187 3.04 -5.09 0.98
C ALA B 187 1.87 -5.20 1.96
N CYS B 188 1.00 -6.22 1.83
CA CYS B 188 -0.08 -6.48 2.81
C CYS B 188 0.50 -6.65 4.23
N LEU B 189 1.58 -7.40 4.39
CA LEU B 189 2.10 -7.76 5.74
C LEU B 189 2.72 -6.50 6.36
N VAL B 190 3.47 -5.72 5.59
CA VAL B 190 4.14 -4.48 6.13
C VAL B 190 3.03 -3.61 6.71
N VAL B 191 1.97 -3.40 5.94
CA VAL B 191 0.80 -2.57 6.41
C VAL B 191 0.10 -3.25 7.60
N ALA B 192 -0.17 -4.55 7.59
CA ALA B 192 -0.82 -5.24 8.74
C ALA B 192 0.04 -5.10 10.00
N SER B 193 1.37 -5.12 9.87
CA SER B 193 2.34 -5.18 10.99
C SER B 193 2.22 -3.94 11.88
N THR B 194 1.66 -2.85 11.34
CA THR B 194 1.44 -1.59 12.10
C THR B 194 0.09 -1.62 12.84
N LEU B 195 -0.69 -2.69 12.63
CA LEU B 195 -2.08 -2.92 13.13
C LEU B 195 -3.02 -1.98 12.39
N SER B 196 -2.69 -1.65 11.14
CA SER B 196 -3.65 -0.99 10.24
C SER B 196 -4.73 -2.05 9.90
N ASP B 197 -5.85 -1.61 9.36
CA ASP B 197 -7.01 -2.50 9.11
C ASP B 197 -6.75 -3.37 7.86
N ILE B 198 -7.57 -4.41 7.65
CA ILE B 198 -7.32 -5.43 6.60
C ILE B 198 -7.58 -4.83 5.20
N TYR B 199 -8.47 -3.85 5.09
CA TYR B 199 -8.76 -3.10 3.84
C TYR B 199 -7.52 -2.32 3.42
N SER B 200 -6.90 -1.61 4.36
CA SER B 200 -5.58 -0.96 4.12
C SER B 200 -4.55 -1.97 3.58
N SER B 201 -4.44 -3.16 4.18
CA SER B 201 -3.50 -4.22 3.76
C SER B 201 -3.77 -4.62 2.30
N VAL B 202 -5.02 -4.90 1.96
CA VAL B 202 -5.42 -5.32 0.58
C VAL B 202 -5.17 -4.18 -0.42
N VAL B 203 -5.50 -2.95 -0.05
CA VAL B 203 -5.22 -1.77 -0.90
C VAL B 203 -3.72 -1.74 -1.21
N ALA B 204 -2.85 -2.04 -0.24
CA ALA B 204 -1.39 -2.08 -0.47
C ALA B 204 -1.04 -3.25 -1.40
N GLY B 205 -1.66 -4.40 -1.21
CA GLY B 205 -1.46 -5.59 -2.08
C GLY B 205 -1.82 -5.26 -3.52
N ILE B 206 -2.94 -4.59 -3.73
CA ILE B 206 -3.39 -4.19 -5.11
C ILE B 206 -2.38 -3.19 -5.68
N SER B 207 -1.94 -2.21 -4.90
CA SER B 207 -0.91 -1.24 -5.35
C SER B 207 0.34 -1.97 -5.85
N ALA B 208 0.80 -3.00 -5.13
CA ALA B 208 2.02 -3.73 -5.53
C ALA B 208 1.72 -4.62 -6.75
N LEU B 209 0.59 -5.31 -6.74
CA LEU B 209 0.26 -6.31 -7.82
C LEU B 209 0.18 -5.62 -9.19
N LYS B 210 -0.15 -4.34 -9.20
CA LYS B 210 -0.35 -3.54 -10.44
C LYS B 210 0.98 -3.43 -11.19
N GLY B 211 2.12 -3.48 -10.49
CA GLY B 211 3.41 -3.17 -11.11
C GLY B 211 3.80 -4.25 -12.12
N PRO B 212 4.42 -3.89 -13.27
CA PRO B 212 4.75 -4.90 -14.29
C PRO B 212 5.77 -5.95 -13.84
N LEU B 213 6.64 -5.65 -12.88
CA LEU B 213 7.67 -6.60 -12.41
C LEU B 213 7.08 -7.62 -11.44
N HIS B 214 5.83 -7.50 -11.01
CA HIS B 214 5.41 -8.26 -9.79
C HIS B 214 5.65 -9.75 -10.08
N GLY B 215 5.33 -10.14 -11.32
CA GLY B 215 5.29 -11.53 -11.80
C GLY B 215 3.87 -12.07 -11.79
N GLY B 216 3.48 -12.82 -12.82
CA GLY B 216 2.20 -13.56 -12.84
C GLY B 216 1.04 -12.69 -13.31
N ALA B 217 1.10 -11.38 -13.08
CA ALA B 217 -0.07 -10.46 -12.99
C ALA B 217 -0.22 -9.62 -14.27
N ASN B 218 -0.12 -10.22 -15.47
CA ASN B 218 -0.18 -9.46 -16.75
C ASN B 218 -0.68 -10.32 -17.94
N SER B 219 -0.78 -9.66 -19.11
CA SER B 219 -1.35 -10.14 -20.40
C SER B 219 -0.33 -9.95 -21.54
N GLU B 220 0.97 -9.84 -21.22
CA GLU B 220 2.08 -9.68 -22.19
C GLU B 220 2.14 -10.90 -23.12
N ALA B 221 1.98 -12.12 -22.59
CA ALA B 221 2.03 -13.37 -23.39
C ALA B 221 0.93 -13.31 -24.46
N LEU B 222 -0.26 -12.88 -24.07
CA LEU B 222 -1.40 -12.81 -24.99
C LEU B 222 -1.06 -11.77 -26.06
N LYS B 223 -0.57 -10.59 -25.69
CA LYS B 223 -0.15 -9.50 -26.63
C LYS B 223 0.84 -10.07 -27.64
N GLN B 224 1.81 -10.83 -27.16
CA GLN B 224 2.81 -11.54 -27.99
C GLN B 224 2.09 -12.50 -28.97
N PHE B 225 1.10 -13.29 -28.53
CA PHE B 225 0.42 -14.26 -29.42
C PHE B 225 -0.30 -13.50 -30.53
N MET B 226 -0.88 -12.34 -30.22
CA MET B 226 -1.58 -11.46 -31.19
C MET B 226 -0.56 -10.84 -32.16
N GLU B 227 0.57 -10.35 -31.68
CA GLU B 227 1.66 -9.80 -32.54
C GLU B 227 2.10 -10.87 -33.55
N ILE B 228 2.27 -12.12 -33.13
CA ILE B 228 2.75 -13.24 -33.98
C ILE B 228 1.74 -13.45 -35.11
N GLU B 229 0.46 -13.47 -34.76
CA GLU B 229 -0.75 -13.35 -35.63
C GLU B 229 -1.07 -14.68 -36.31
N THR B 230 -0.07 -15.34 -36.90
CA THR B 230 -0.26 -16.63 -37.60
C THR B 230 0.69 -17.65 -37.00
N PRO B 231 0.23 -18.90 -36.81
CA PRO B 231 1.11 -20.02 -36.46
C PRO B 231 2.45 -20.11 -37.21
N ASP B 232 2.47 -19.80 -38.51
CA ASP B 232 3.63 -19.95 -39.44
C ASP B 232 4.70 -18.89 -39.13
N ASN B 233 4.32 -17.80 -38.46
CA ASN B 233 5.26 -16.73 -38.09
C ASN B 233 5.93 -17.07 -36.74
N VAL B 234 5.56 -18.15 -36.05
CA VAL B 234 6.03 -18.38 -34.66
C VAL B 234 7.57 -18.36 -34.61
N GLU B 235 8.22 -19.19 -35.44
CA GLU B 235 9.68 -19.42 -35.47
C GLU B 235 10.41 -18.11 -35.76
N LYS B 236 10.01 -17.41 -36.83
CA LYS B 236 10.62 -16.12 -37.23
C LYS B 236 10.58 -15.16 -36.04
N TYR B 237 9.40 -15.02 -35.43
CA TYR B 237 9.14 -14.05 -34.33
C TYR B 237 10.00 -14.43 -33.12
N VAL B 238 9.94 -15.70 -32.69
CA VAL B 238 10.59 -16.14 -31.43
C VAL B 238 12.12 -16.05 -31.60
N MET B 239 12.64 -16.42 -32.77
CA MET B 239 14.11 -16.39 -33.03
C MET B 239 14.58 -14.92 -33.06
N ASN B 240 13.86 -14.06 -33.77
CA ASN B 240 14.19 -12.61 -33.90
C ASN B 240 14.10 -11.91 -32.53
N LYS B 241 13.32 -12.46 -31.61
CA LYS B 241 13.18 -11.95 -30.23
C LYS B 241 14.38 -12.38 -29.38
N LEU B 242 14.69 -13.67 -29.41
CA LEU B 242 15.75 -14.27 -28.55
C LEU B 242 17.13 -13.81 -29.06
N SER B 243 17.37 -13.95 -30.36
CA SER B 243 18.64 -13.53 -31.02
C SER B 243 18.89 -12.05 -30.69
N SER B 244 17.85 -11.23 -30.74
CA SER B 244 17.87 -9.77 -30.41
C SER B 244 17.98 -9.51 -28.89
N GLY B 245 18.28 -10.52 -28.08
CA GLY B 245 18.38 -10.41 -26.61
C GLY B 245 17.06 -10.01 -25.94
N GLN B 246 15.94 -10.06 -26.67
CA GLN B 246 14.61 -9.72 -26.11
C GLN B 246 14.04 -10.96 -25.42
N ARG B 247 12.94 -10.76 -24.69
CA ARG B 247 12.36 -11.74 -23.73
C ARG B 247 11.14 -12.41 -24.36
N LEU B 248 10.98 -13.73 -24.19
CA LEU B 248 9.73 -14.46 -24.54
C LEU B 248 8.73 -14.33 -23.37
N MET B 249 7.65 -13.58 -23.55
CA MET B 249 6.66 -13.27 -22.49
C MET B 249 5.97 -14.54 -21.99
N GLY B 250 5.71 -14.63 -20.67
CA GLY B 250 5.06 -15.80 -20.06
C GLY B 250 6.03 -16.95 -19.82
N PHE B 251 7.33 -16.73 -20.06
CA PHE B 251 8.42 -17.68 -19.73
C PHE B 251 9.23 -17.14 -18.55
N GLY B 252 9.72 -18.04 -17.68
CA GLY B 252 10.60 -17.74 -16.54
C GLY B 252 9.82 -17.60 -15.24
N HIS B 253 10.50 -17.86 -14.12
CA HIS B 253 9.96 -17.75 -12.75
C HIS B 253 11.13 -17.75 -11.75
N ARG B 254 10.98 -16.99 -10.66
CA ARG B 254 12.01 -16.84 -9.61
C ARG B 254 12.14 -18.18 -8.86
N ILE B 255 11.11 -19.04 -8.86
CA ILE B 255 11.12 -20.32 -8.05
C ILE B 255 11.07 -21.58 -8.92
N TYR B 256 10.11 -21.74 -9.84
CA TYR B 256 9.97 -23.01 -10.63
C TYR B 256 11.16 -23.13 -11.59
N LYS B 257 11.92 -24.22 -11.45
CA LYS B 257 13.03 -24.62 -12.35
C LYS B 257 12.45 -25.52 -13.44
N THR B 258 11.12 -25.58 -13.51
CA THR B 258 10.36 -26.48 -14.43
C THR B 258 9.04 -25.80 -14.80
N MET B 259 8.25 -26.47 -15.63
CA MET B 259 6.88 -26.04 -15.99
C MET B 259 6.15 -25.70 -14.68
N ASP B 260 5.60 -24.48 -14.59
CA ASP B 260 4.79 -24.00 -13.44
C ASP B 260 3.58 -24.95 -13.35
N PRO B 261 3.29 -25.59 -12.20
CA PRO B 261 2.17 -26.54 -12.10
C PRO B 261 0.85 -25.86 -12.44
N ARG B 262 0.76 -24.55 -12.19
CA ARG B 262 -0.43 -23.74 -12.54
C ARG B 262 -0.54 -23.63 -14.06
N ALA B 263 0.58 -23.44 -14.79
CA ALA B 263 0.58 -23.35 -16.28
C ALA B 263 0.11 -24.69 -16.87
N LYS B 264 0.56 -25.77 -16.25
CA LYS B 264 0.27 -27.15 -16.70
C LYS B 264 -1.25 -27.38 -16.61
N ILE B 265 -1.82 -27.00 -15.48
CA ILE B 265 -3.27 -27.21 -15.20
C ILE B 265 -4.08 -26.30 -16.12
N LEU B 266 -3.72 -25.02 -16.25
CA LEU B 266 -4.44 -24.10 -17.18
C LEU B 266 -4.42 -24.65 -18.60
N LYS B 267 -3.29 -25.19 -19.06
CA LYS B 267 -3.16 -25.67 -20.46
C LYS B 267 -4.16 -26.83 -20.68
N GLU B 268 -4.21 -27.74 -19.73
CA GLU B 268 -5.13 -28.92 -19.74
C GLU B 268 -6.59 -28.44 -19.76
N TYR B 269 -7.00 -27.58 -18.81
CA TYR B 269 -8.41 -27.15 -18.67
C TYR B 269 -8.80 -26.23 -19.84
N ALA B 270 -7.87 -25.48 -20.45
CA ALA B 270 -8.13 -24.61 -21.63
C ALA B 270 -8.74 -25.40 -22.81
N ASN B 271 -8.60 -26.72 -22.83
CA ASN B 271 -9.19 -27.63 -23.86
C ASN B 271 -10.73 -27.64 -23.78
N GLN B 272 -11.30 -27.38 -22.61
CA GLN B 272 -12.78 -27.42 -22.40
C GLN B 272 -13.45 -26.20 -23.04
N LEU B 273 -12.68 -25.15 -23.36
CA LEU B 273 -13.25 -23.91 -23.96
C LEU B 273 -13.58 -24.22 -25.42
N SER B 274 -14.77 -23.87 -25.86
CA SER B 274 -15.12 -23.74 -27.29
C SER B 274 -14.44 -22.45 -27.79
N LYS B 275 -13.83 -22.52 -28.95
CA LYS B 275 -12.95 -21.46 -29.45
C LYS B 275 -13.48 -21.08 -30.81
N ASN B 276 -13.77 -19.80 -31.06
CA ASN B 276 -13.97 -19.31 -32.44
C ASN B 276 -12.63 -19.41 -33.17
N GLU B 277 -12.61 -18.92 -34.42
CA GLU B 277 -11.40 -18.89 -35.30
C GLU B 277 -10.26 -18.18 -34.56
N GLU B 278 -10.50 -16.97 -34.05
CA GLU B 278 -9.47 -16.12 -33.37
C GLU B 278 -8.81 -16.88 -32.20
N ILE B 279 -9.63 -17.47 -31.35
CA ILE B 279 -9.16 -18.13 -30.10
C ILE B 279 -8.43 -19.43 -30.46
N LYS B 280 -9.00 -20.20 -31.39
CA LYS B 280 -8.36 -21.43 -31.94
C LYS B 280 -6.95 -21.07 -32.43
N ARG B 281 -6.85 -20.03 -33.26
CA ARG B 281 -5.56 -19.56 -33.85
C ARG B 281 -4.61 -19.12 -32.73
N LEU B 282 -5.10 -18.37 -31.74
CA LEU B 282 -4.22 -17.89 -30.64
C LEU B 282 -3.69 -19.10 -29.83
N PHE B 283 -4.51 -20.13 -29.60
CA PHE B 283 -4.08 -21.34 -28.86
C PHE B 283 -3.05 -22.12 -29.68
N GLU B 284 -3.17 -22.13 -31.01
CA GLU B 284 -2.19 -22.86 -31.86
C GLU B 284 -0.84 -22.12 -31.79
N ILE B 285 -0.88 -20.80 -31.81
CA ILE B 285 0.33 -19.95 -31.68
C ILE B 285 0.96 -20.22 -30.31
N ALA B 286 0.17 -20.19 -29.24
CA ALA B 286 0.67 -20.35 -27.86
C ALA B 286 1.37 -21.72 -27.73
N ASN B 287 0.81 -22.78 -28.32
CA ASN B 287 1.34 -24.16 -28.23
C ASN B 287 2.68 -24.29 -28.99
N ARG B 288 2.81 -23.64 -30.14
CA ARG B 288 4.09 -23.62 -30.90
C ARG B 288 5.14 -22.78 -30.15
N VAL B 289 4.77 -21.57 -29.73
CA VAL B 289 5.64 -20.72 -28.87
C VAL B 289 6.12 -21.57 -27.69
N GLU B 290 5.22 -22.33 -27.04
CA GLU B 290 5.57 -23.15 -25.86
C GLU B 290 6.69 -24.15 -26.24
N GLU B 291 6.52 -24.85 -27.37
CA GLU B 291 7.43 -25.94 -27.84
C GLU B 291 8.84 -25.37 -28.10
N ILE B 292 8.95 -24.38 -28.98
CA ILE B 292 10.25 -23.73 -29.33
C ILE B 292 10.85 -23.05 -28.08
N GLY B 293 10.02 -22.42 -27.23
CA GLY B 293 10.50 -21.78 -26.00
C GLY B 293 11.21 -22.80 -25.12
N ILE B 294 10.59 -23.95 -24.89
CA ILE B 294 11.13 -25.00 -23.98
C ILE B 294 12.42 -25.55 -24.63
N LYS B 295 12.42 -25.71 -25.95
CA LYS B 295 13.60 -26.24 -26.69
C LYS B 295 14.81 -25.33 -26.44
N ILE B 296 14.65 -24.00 -26.46
CA ILE B 296 15.80 -23.05 -26.42
C ILE B 296 16.12 -22.68 -24.96
N LEU B 297 15.10 -22.48 -24.11
CA LEU B 297 15.29 -21.85 -22.77
C LEU B 297 15.20 -22.89 -21.64
N GLY B 298 14.68 -24.07 -21.92
CA GLY B 298 14.40 -25.07 -20.88
C GLY B 298 15.66 -25.55 -20.19
N LYS B 299 16.73 -25.75 -20.97
CA LYS B 299 18.13 -25.99 -20.49
C LYS B 299 18.48 -25.14 -19.26
N ARG B 300 18.05 -23.87 -19.27
CA ARG B 300 18.50 -22.82 -18.31
C ARG B 300 17.43 -22.60 -17.24
N GLY B 301 16.49 -23.56 -17.11
CA GLY B 301 15.38 -23.53 -16.12
C GLY B 301 14.39 -22.40 -16.40
N ILE B 302 14.20 -22.08 -17.67
CA ILE B 302 13.24 -21.02 -18.14
C ILE B 302 12.11 -21.75 -18.87
N TYR B 303 10.93 -21.78 -18.23
CA TYR B 303 9.73 -22.58 -18.62
C TYR B 303 8.49 -21.68 -18.55
N PRO B 304 7.39 -22.09 -19.21
CA PRO B 304 6.13 -21.37 -19.13
C PRO B 304 5.76 -21.16 -17.66
N ASN B 305 5.42 -19.94 -17.31
CA ASN B 305 4.82 -19.63 -15.99
C ASN B 305 3.31 -19.51 -16.21
N VAL B 306 2.58 -19.24 -15.13
CA VAL B 306 1.09 -19.23 -15.09
C VAL B 306 0.57 -18.19 -16.10
N ASP B 307 1.29 -17.09 -16.31
CA ASP B 307 0.80 -16.00 -17.19
C ASP B 307 0.98 -16.35 -18.68
N PHE B 308 1.62 -17.46 -19.04
CA PHE B 308 1.70 -17.89 -20.47
C PHE B 308 0.29 -18.21 -21.00
N TYR B 309 -0.50 -18.93 -20.20
CA TYR B 309 -1.88 -19.38 -20.57
C TYR B 309 -2.97 -18.56 -19.87
N SER B 310 -2.75 -17.96 -18.71
CA SER B 310 -3.83 -17.28 -17.94
C SER B 310 -4.49 -16.19 -18.80
N GLY B 311 -3.70 -15.34 -19.46
CA GLY B 311 -4.28 -14.20 -20.18
C GLY B 311 -5.21 -14.71 -21.28
N LEU B 312 -4.73 -15.68 -22.04
CA LEU B 312 -5.44 -16.26 -23.20
C LEU B 312 -6.73 -16.96 -22.72
N VAL B 313 -6.70 -17.67 -21.60
CA VAL B 313 -7.92 -18.29 -21.01
C VAL B 313 -8.94 -17.21 -20.64
N PHE B 314 -8.55 -16.13 -19.98
CA PHE B 314 -9.51 -15.07 -19.53
C PHE B 314 -10.09 -14.36 -20.76
N TYR B 315 -9.26 -14.09 -21.74
CA TYR B 315 -9.66 -13.50 -23.04
C TYR B 315 -10.69 -14.43 -23.71
N ALA B 316 -10.40 -15.72 -23.75
CA ALA B 316 -11.29 -16.77 -24.32
C ALA B 316 -12.68 -16.76 -23.66
N MET B 317 -12.75 -16.46 -22.36
CA MET B 317 -14.03 -16.45 -21.60
C MET B 317 -14.72 -15.09 -21.67
N GLY B 318 -14.16 -14.11 -22.38
CA GLY B 318 -14.86 -12.85 -22.67
C GLY B 318 -14.39 -11.65 -21.84
N PHE B 319 -13.28 -11.75 -21.09
CA PHE B 319 -12.69 -10.59 -20.35
C PHE B 319 -11.73 -9.79 -21.24
N ASP B 320 -11.84 -8.46 -21.23
CA ASP B 320 -10.83 -7.54 -21.85
C ASP B 320 -9.48 -7.81 -21.22
N PRO B 321 -8.41 -7.84 -22.03
CA PRO B 321 -7.05 -8.06 -21.54
C PRO B 321 -6.57 -7.15 -20.39
N ASP B 322 -6.95 -5.88 -20.38
CA ASP B 322 -6.41 -5.02 -19.32
C ASP B 322 -7.20 -5.20 -18.01
N LEU B 323 -8.26 -6.02 -17.97
CA LEU B 323 -8.85 -6.46 -16.67
C LEU B 323 -8.06 -7.61 -16.02
N PHE B 324 -7.15 -8.31 -16.72
CA PHE B 324 -6.52 -9.56 -16.20
C PHE B 324 -5.90 -9.35 -14.83
N PRO B 325 -5.09 -8.28 -14.60
CA PRO B 325 -4.56 -8.02 -13.25
C PRO B 325 -5.63 -7.95 -12.16
N THR B 326 -6.81 -7.35 -12.44
CA THR B 326 -7.94 -7.28 -11.46
C THR B 326 -8.49 -8.68 -11.18
N ILE B 327 -8.55 -9.55 -12.18
CA ILE B 327 -9.07 -10.92 -11.98
C ILE B 327 -8.12 -11.70 -11.09
N PHE B 328 -6.83 -11.50 -11.31
CA PHE B 328 -5.75 -12.03 -10.44
C PHE B 328 -6.01 -11.56 -9.01
N ALA B 329 -6.25 -10.28 -8.79
CA ALA B 329 -6.48 -9.77 -7.42
C ALA B 329 -7.74 -10.42 -6.82
N SER B 330 -8.78 -10.71 -7.63
CA SER B 330 -10.05 -11.28 -7.11
C SER B 330 -9.79 -12.63 -6.41
N ALA B 331 -8.81 -13.39 -6.88
CA ALA B 331 -8.34 -14.68 -6.31
C ALA B 331 -7.31 -14.45 -5.23
N ARG B 332 -6.28 -13.67 -5.51
CA ARG B 332 -5.11 -13.55 -4.61
C ARG B 332 -5.50 -12.88 -3.29
N VAL B 333 -6.56 -12.09 -3.26
CA VAL B 333 -7.07 -11.44 -2.01
C VAL B 333 -7.27 -12.47 -0.90
N ILE B 334 -7.69 -13.70 -1.26
CA ILE B 334 -7.87 -14.81 -0.29
C ILE B 334 -6.51 -15.14 0.33
N GLY B 335 -5.50 -15.36 -0.50
CA GLY B 335 -4.12 -15.62 -0.08
C GLY B 335 -3.59 -14.47 0.76
N TRP B 336 -3.75 -13.23 0.30
CA TRP B 336 -3.29 -12.04 1.05
C TRP B 336 -3.87 -12.02 2.47
N THR B 337 -5.19 -12.16 2.59
CA THR B 337 -5.90 -12.02 3.88
C THR B 337 -5.58 -13.21 4.78
N ALA B 338 -5.43 -14.41 4.20
CA ALA B 338 -4.96 -15.61 4.94
C ALA B 338 -3.59 -15.32 5.54
N HIS B 339 -2.65 -14.81 4.75
CA HIS B 339 -1.27 -14.49 5.22
C HIS B 339 -1.27 -13.44 6.32
N VAL B 340 -2.13 -12.43 6.22
CA VAL B 340 -2.20 -11.34 7.23
C VAL B 340 -2.73 -11.99 8.51
N ASP B 341 -3.78 -12.79 8.39
CA ASP B 341 -4.45 -13.42 9.53
C ASP B 341 -3.43 -14.26 10.32
N GLU B 342 -2.59 -15.03 9.61
CA GLU B 342 -1.59 -15.95 10.20
C GLU B 342 -0.49 -15.12 10.89
N TYR B 343 0.00 -14.10 10.19
CA TYR B 343 1.05 -13.18 10.70
C TYR B 343 0.60 -12.55 12.01
N LEU B 344 -0.64 -12.07 12.08
CA LEU B 344 -1.18 -11.27 13.21
C LEU B 344 -1.38 -12.14 14.47
N LYS B 345 -1.34 -13.46 14.34
CA LYS B 345 -1.36 -14.38 15.51
C LYS B 345 -0.18 -14.06 16.41
N ASP B 346 0.96 -13.65 15.85
CA ASP B 346 2.13 -13.20 16.63
C ASP B 346 2.74 -11.99 15.95
N ASN B 347 2.09 -10.84 16.06
CA ASN B 347 2.44 -9.67 15.22
C ASN B 347 3.86 -9.20 15.57
N LYS B 348 4.61 -8.78 14.59
CA LYS B 348 5.87 -8.01 14.81
C LYS B 348 5.90 -6.88 13.78
N LEU B 349 6.09 -5.65 14.25
CA LEU B 349 6.22 -4.44 13.42
C LEU B 349 7.37 -4.67 12.44
N ILE B 350 7.13 -4.47 11.15
CA ILE B 350 8.20 -4.64 10.14
C ILE B 350 8.88 -3.28 9.99
N ARG B 351 10.13 -3.19 10.42
CA ARG B 351 10.85 -1.89 10.63
C ARG B 351 12.31 -2.09 10.27
N PRO B 352 12.62 -2.22 8.96
CA PRO B 352 14.01 -2.42 8.53
C PRO B 352 14.80 -1.11 8.71
N LYS B 353 16.04 -1.09 8.25
CA LYS B 353 16.83 0.16 8.29
C LYS B 353 17.38 0.42 6.90
N ALA B 354 18.21 1.44 6.79
CA ALA B 354 18.97 1.75 5.57
C ALA B 354 20.41 1.97 5.96
N ILE B 355 21.33 1.85 5.00
CA ILE B 355 22.76 2.21 5.16
C ILE B 355 22.97 3.61 4.60
N TYR B 356 23.56 4.50 5.40
CA TYR B 356 23.73 5.90 4.98
C TYR B 356 25.04 6.04 4.19
N VAL B 357 25.02 6.69 3.03
CA VAL B 357 26.20 6.83 2.14
C VAL B 357 26.27 8.25 1.59
N GLY B 358 25.72 9.22 2.29
CA GLY B 358 25.76 10.63 1.87
C GLY B 358 26.74 11.43 2.72
N ASP B 359 26.51 12.74 2.76
CA ASP B 359 27.36 13.67 3.54
C ASP B 359 26.68 14.03 4.85
N LEU B 360 27.50 14.58 5.73
CA LEU B 360 27.14 15.04 7.09
C LEU B 360 27.79 16.39 7.36
N GLY B 361 27.12 17.19 8.19
CA GLY B 361 27.66 18.42 8.78
C GLY B 361 27.81 19.51 7.74
N LYS B 362 27.05 19.47 6.66
CA LYS B 362 27.10 20.55 5.63
C LYS B 362 26.67 21.89 6.23
N ARG B 363 27.31 22.96 5.79
CA ARG B 363 27.10 24.30 6.36
C ARG B 363 25.97 24.95 5.58
N TYR B 364 24.94 25.40 6.29
CA TYR B 364 23.77 26.01 5.66
C TYR B 364 24.20 27.40 5.20
N VAL B 365 23.89 27.69 3.96
CA VAL B 365 24.17 29.00 3.35
C VAL B 365 22.86 29.62 2.86
N PRO B 366 22.58 30.88 3.20
CA PRO B 366 21.33 31.50 2.80
C PRO B 366 21.32 31.62 1.27
N ILE B 367 20.15 31.83 0.71
CA ILE B 367 19.87 31.74 -0.74
C ILE B 367 20.64 32.81 -1.52
N GLU B 368 20.95 33.96 -0.90
CA GLU B 368 21.73 35.03 -1.58
C GLU B 368 23.18 34.58 -1.81
N GLU B 369 23.64 33.58 -1.09
CA GLU B 369 25.05 33.15 -1.20
C GLU B 369 25.15 31.92 -2.13
N ARG B 370 24.05 31.49 -2.77
CA ARG B 370 24.10 30.31 -3.66
C ARG B 370 24.30 30.79 -5.11
N LEU B 371 25.44 30.43 -5.66
CA LEU B 371 25.98 30.83 -7.00
C LEU B 371 25.15 30.14 -8.11
N GLU B 372 25.01 30.80 -9.26
CA GLU B 372 24.31 30.33 -10.49
C GLU B 372 22.80 30.49 -10.31
O1 OAA C . 10.62 6.54 12.16
O2 OAA C . 10.45 5.15 13.87
O4 OAA C . 9.01 9.96 12.26
O5 OAA C . 8.38 8.11 11.35
O3 OAA C . 9.37 8.70 14.48
C1 OAA C . 10.01 6.06 13.16
C2 OAA C . 8.68 6.68 13.53
C3 OAA C . 8.92 8.14 13.47
C4 OAA C . 8.76 8.76 12.32
C1 GOL D . 16.69 21.42 -11.99
O1 GOL D . 17.02 20.43 -11.03
C2 GOL D . 15.19 21.69 -12.01
O2 GOL D . 14.48 20.51 -12.37
C3 GOL D . 14.68 22.18 -10.68
O3 GOL D . 15.12 23.51 -10.39
N1A ACO E . 6.79 4.98 29.23
C2A ACO E . 7.18 4.20 30.25
N3A ACO E . 8.02 3.17 30.12
C4A ACO E . 8.51 2.85 28.90
C5A ACO E . 8.11 3.64 27.75
C6A ACO E . 7.20 4.74 28.00
N6A ACO E . 6.83 5.46 26.90
N7A ACO E . 8.68 3.14 26.64
C8A ACO E . 9.45 2.10 27.06
N9A ACO E . 9.34 1.91 28.40
C1B ACO E . 10.11 0.87 29.19
C2B ACO E . 9.28 -0.19 29.86
O2B ACO E . 10.09 -0.89 30.81
C3B ACO E . 9.07 -1.06 28.65
O3B ACO E . 8.59 -2.33 29.00
P3B ACO E . 7.00 -2.55 29.32
O7A ACO E . 6.62 -3.66 28.33
O8A ACO E . 7.04 -2.96 30.79
O9A ACO E . 6.31 -1.20 29.05
C4B ACO E . 10.47 -1.12 28.05
O4B ACO E . 11.04 0.15 28.34
C5B ACO E . 10.27 -1.43 26.60
O5B ACO E . 11.18 -0.81 25.69
P1A ACO E . 10.94 -1.12 24.12
O1A ACO E . 11.98 -2.15 23.70
O2A ACO E . 10.84 0.13 23.27
O3A ACO E . 9.49 -1.84 24.17
P2A ACO E . 9.35 -3.42 24.56
O4A ACO E . 10.65 -3.94 25.20
O5A ACO E . 8.89 -4.19 23.32
O6A ACO E . 8.21 -3.44 25.73
O1 OAA F . 7.00 -14.87 -7.77
O2 OAA F . 5.27 -15.32 -6.42
O4 OAA F . 2.21 -14.05 -7.60
O5 OAA F . 1.73 -15.96 -8.43
O3 OAA F . 4.06 -16.06 -9.50
C1 OAA F . 5.77 -14.83 -7.47
C2 OAA F . 4.82 -14.16 -8.44
C3 OAA F . 3.75 -15.13 -8.77
C4 OAA F . 2.52 -15.03 -8.26
C1 GOL G . -8.15 -6.60 12.50
O1 GOL G . -6.84 -7.09 12.26
C2 GOL G . -8.86 -6.36 11.19
O2 GOL G . -10.27 -6.44 11.36
C3 GOL G . -8.49 -5.04 10.57
O3 GOL G . -9.60 -4.40 9.94
N1A ACO H . 12.68 -15.03 -22.07
C2A ACO H . 13.98 -15.10 -22.40
N3A ACO H . 15.06 -15.15 -21.61
C4A ACO H . 14.69 -15.09 -20.32
C5A ACO H . 13.41 -15.00 -19.83
C6A ACO H . 12.36 -14.97 -20.76
N6A ACO H . 11.07 -14.89 -20.41
N7A ACO H . 13.44 -14.96 -18.43
C8A ACO H . 14.71 -15.02 -18.12
N9A ACO H . 15.52 -15.11 -19.23
C1B ACO H . 16.97 -15.19 -19.26
C2B ACO H . 17.61 -13.87 -19.68
O2B ACO H . 18.80 -14.08 -20.40
C3B ACO H . 17.81 -13.20 -18.31
O3B ACO H . 18.75 -12.14 -18.35
P3B ACO H . 17.97 -10.71 -18.35
O7A ACO H . 18.98 -9.65 -18.77
O8A ACO H . 17.49 -10.47 -16.92
O9A ACO H . 16.83 -10.81 -19.34
C4B ACO H . 18.29 -14.39 -17.49
O4B ACO H . 17.44 -15.48 -17.95
C5B ACO H . 18.20 -14.25 -15.99
O5B ACO H . 16.81 -14.34 -15.56
P1A ACO H . 16.26 -13.42 -14.35
O1A ACO H . 15.77 -12.12 -15.16
O2A ACO H . 15.07 -14.08 -13.73
O3A ACO H . 17.38 -13.03 -13.44
#